data_6W5D
#
_entry.id   6W5D
#
_cell.length_a   70.360
_cell.length_b   82.487
_cell.length_c   75.965
_cell.angle_alpha   90.000
_cell.angle_beta   94.893
_cell.angle_gamma   90.000
#
_symmetry.space_group_name_H-M   'P 1 21 1'
#
loop_
_entity.id
_entity.type
_entity.pdbx_description
1 polymer 'RSB1 Fab Heavy Chain'
2 polymer 'RSB1 Fab Light Chain'
3 water water
#
loop_
_entity_poly.entity_id
_entity_poly.type
_entity_poly.pdbx_seq_one_letter_code
_entity_poly.pdbx_strand_id
1 'polypeptide(L)'
;MEFGLSWVFLVAILEGVHCQVQLVQSGAEVKKPGSSVKVSCKTSGGTYGTYSINWVRQAPGQGLEWMGAIIPIFGKTNYA
QKFQGRVTITADASTSTAYMELGSLTSEDTAMYYCARVEDTALDHYFDYWGQGALVTVSSASTKGPSVFPLAPSSKSTSG
GTAALGCLVKDYFPEPVTVSWNSGALTSGVHTFPAVLQSSGLYSLSSVVTVPSSSLGTQTYICNVNHKPSNTKVDKRVEP
KSCDKGSENLYFQGGWSHPQFEKGGGSGGGSGGGSWSHPQFEK
;
H,A
2 'polypeptide(L)'
;METPAELLFLLLLWLPDTTGQSALTQPRSVSGSPGQSVTISCTGTSGDVGTYNYVSWYQQLPGKAPKLMIYDVTRRPSGV
PDRFSGSKSGNTASLTISGLQADDEADYYCCSYAGTLTWVFGGGTKLTVLGQPKAAPSVTLFPPSSEELQANKATLVCLI
SDFYPGAVTVAWKADSSPVKAGVETTTPSKQSNNKYAASSYLSLTPEQWKSHRSYSCQVTHEGSTVEKTVAPTECS
;
L,B
#
# COMPACT_ATOMS: atom_id res chain seq x y z
N GLN A 20 -29.91 -19.86 19.43
CA GLN A 20 -28.92 -18.84 19.76
C GLN A 20 -29.11 -17.61 18.88
N VAL A 21 -28.47 -16.49 19.28
CA VAL A 21 -28.56 -15.27 18.49
C VAL A 21 -27.79 -15.46 17.18
N GLN A 22 -28.44 -15.16 16.06
CA GLN A 22 -27.80 -15.24 14.76
C GLN A 22 -28.11 -13.99 13.95
N LEU A 23 -27.05 -13.35 13.44
CA LEU A 23 -27.16 -12.21 12.54
C LEU A 23 -26.69 -12.66 11.16
N VAL A 24 -27.61 -12.74 10.19
CA VAL A 24 -27.30 -13.21 8.85
C VAL A 24 -27.54 -12.08 7.87
N GLN A 25 -26.57 -11.85 6.98
CA GLN A 25 -26.55 -10.72 6.08
C GLN A 25 -26.83 -11.13 4.65
N SER A 26 -27.08 -10.13 3.80
CA SER A 26 -27.16 -10.35 2.37
C SER A 26 -25.79 -10.77 1.82
N GLY A 27 -25.79 -11.24 0.57
CA GLY A 27 -24.58 -11.78 -0.02
C GLY A 27 -23.66 -10.73 -0.59
N ALA A 28 -22.53 -11.20 -1.09
CA ALA A 28 -21.56 -10.31 -1.73
C ALA A 28 -22.15 -9.75 -3.03
N GLU A 29 -21.62 -8.60 -3.44
CA GLU A 29 -22.20 -7.93 -4.59
C GLU A 29 -21.17 -7.00 -5.21
N VAL A 30 -21.23 -6.87 -6.53
CA VAL A 30 -20.45 -5.89 -7.28
C VAL A 30 -21.38 -4.77 -7.71
N LYS A 31 -20.90 -3.53 -7.57
CA LYS A 31 -21.67 -2.33 -7.84
C LYS A 31 -20.84 -1.37 -8.66
N LYS A 32 -21.48 -0.70 -9.60
CA LYS A 32 -20.78 0.26 -10.43
C LYS A 32 -20.49 1.54 -9.63
N PRO A 33 -19.41 2.24 -9.96
CA PRO A 33 -19.14 3.53 -9.31
C PRO A 33 -20.28 4.51 -9.55
N GLY A 34 -20.64 5.23 -8.48
CA GLY A 34 -21.76 6.15 -8.53
C GLY A 34 -23.10 5.53 -8.20
N SER A 35 -23.19 4.20 -8.19
CA SER A 35 -24.41 3.52 -7.78
C SER A 35 -24.58 3.60 -6.27
N SER A 36 -25.66 3.02 -5.78
CA SER A 36 -25.91 2.90 -4.35
C SER A 36 -26.11 1.43 -4.00
N VAL A 37 -25.62 1.04 -2.83
CA VAL A 37 -25.62 -0.37 -2.42
C VAL A 37 -26.45 -0.50 -1.15
N LYS A 38 -27.12 -1.64 -1.00
CA LYS A 38 -27.96 -1.89 0.16
C LYS A 38 -27.65 -3.27 0.72
N VAL A 39 -27.34 -3.31 2.01
CA VAL A 39 -26.98 -4.53 2.72
C VAL A 39 -27.95 -4.75 3.87
N SER A 40 -28.38 -5.98 4.07
CA SER A 40 -29.34 -6.33 5.10
C SER A 40 -28.70 -7.18 6.18
N CYS A 41 -29.36 -7.18 7.33
CA CYS A 41 -28.91 -7.94 8.50
C CYS A 41 -30.17 -8.39 9.25
N LYS A 42 -30.54 -9.67 9.09
CA LYS A 42 -31.66 -10.23 9.83
C LYS A 42 -31.15 -10.92 11.09
N THR A 43 -31.74 -10.54 12.22
CA THR A 43 -31.43 -11.12 13.52
C THR A 43 -32.51 -12.13 13.91
N SER A 44 -32.11 -13.32 14.32
CA SER A 44 -33.05 -14.29 14.83
C SER A 44 -32.56 -14.81 16.18
N GLY A 45 -33.50 -15.00 17.10
CA GLY A 45 -33.16 -15.47 18.43
C GLY A 45 -32.75 -14.37 19.37
N GLY A 46 -33.26 -13.14 19.19
CA GLY A 46 -32.65 -12.01 19.86
C GLY A 46 -33.43 -11.06 20.74
N THR A 47 -34.49 -11.52 21.41
CA THR A 47 -35.04 -10.82 22.59
C THR A 47 -35.44 -9.38 22.26
N TYR A 48 -36.51 -9.25 21.47
CA TYR A 48 -37.09 -7.97 21.11
C TYR A 48 -37.01 -6.97 22.27
N GLY A 49 -36.55 -5.76 21.97
CA GLY A 49 -36.26 -4.78 23.01
C GLY A 49 -35.37 -3.68 22.47
N THR A 50 -34.58 -3.09 23.37
CA THR A 50 -33.71 -1.97 23.02
C THR A 50 -32.34 -2.41 22.51
N TYR A 51 -32.31 -3.31 21.53
CA TYR A 51 -31.05 -3.66 20.90
C TYR A 51 -30.72 -2.64 19.81
N SER A 52 -29.44 -2.53 19.49
CA SER A 52 -28.99 -1.67 18.40
C SER A 52 -28.21 -2.50 17.40
N ILE A 53 -28.35 -2.15 16.13
CA ILE A 53 -27.58 -2.74 15.04
C ILE A 53 -26.58 -1.70 14.58
N ASN A 54 -25.31 -2.06 14.62
CA ASN A 54 -24.21 -1.20 14.21
C ASN A 54 -23.62 -1.76 12.93
N TRP A 55 -23.20 -0.86 12.05
CA TRP A 55 -22.62 -1.23 10.78
C TRP A 55 -21.14 -0.85 10.77
N VAL A 56 -20.28 -1.82 10.51
CA VAL A 56 -18.83 -1.62 10.53
C VAL A 56 -18.24 -2.16 9.24
N ARG A 57 -17.43 -1.35 8.57
CA ARG A 57 -16.85 -1.78 7.31
C ARG A 57 -15.33 -1.97 7.46
N GLN A 58 -14.78 -2.76 6.53
CA GLN A 58 -13.38 -3.12 6.57
C GLN A 58 -12.88 -3.24 5.13
N ALA A 59 -12.10 -2.26 4.70
CA ALA A 59 -11.46 -2.30 3.39
C ALA A 59 -10.45 -3.44 3.34
N PRO A 60 -10.15 -3.95 2.14
CA PRO A 60 -9.21 -5.09 2.03
C PRO A 60 -7.87 -4.79 2.69
N GLY A 61 -7.50 -5.64 3.64
CA GLY A 61 -6.26 -5.45 4.37
C GLY A 61 -6.24 -4.30 5.35
N GLN A 62 -7.38 -3.69 5.63
CA GLN A 62 -7.46 -2.53 6.51
C GLN A 62 -8.19 -2.91 7.79
N GLY A 63 -8.41 -1.91 8.64
CA GLY A 63 -9.04 -2.12 9.93
C GLY A 63 -10.54 -1.87 9.91
N LEU A 64 -11.19 -2.27 11.01
CA LEU A 64 -12.62 -2.07 11.16
C LEU A 64 -12.93 -0.59 11.36
N GLU A 65 -14.04 -0.14 10.76
CA GLU A 65 -14.42 1.26 10.81
C GLU A 65 -15.91 1.36 11.08
N TRP A 66 -16.26 1.95 12.23
CA TRP A 66 -17.65 2.10 12.61
C TRP A 66 -18.33 3.15 11.71
N MET A 67 -19.45 2.77 11.11
CA MET A 67 -20.18 3.64 10.21
C MET A 67 -21.39 4.31 10.85
N GLY A 68 -22.19 3.56 11.61
CA GLY A 68 -23.37 4.12 12.22
C GLY A 68 -24.16 3.01 12.91
N ALA A 69 -25.29 3.41 13.47
CA ALA A 69 -26.07 2.49 14.28
C ALA A 69 -27.52 2.93 14.31
N ILE A 70 -28.40 1.95 14.55
CA ILE A 70 -29.83 2.17 14.69
C ILE A 70 -30.34 1.41 15.90
N ILE A 71 -31.24 2.05 16.65
CA ILE A 71 -32.08 1.39 17.64
C ILE A 71 -33.47 1.27 17.02
N PRO A 72 -33.85 0.07 16.56
CA PRO A 72 -35.11 -0.06 15.83
C PRO A 72 -36.34 0.15 16.69
N ILE A 73 -36.29 -0.22 17.98
CA ILE A 73 -37.47 -0.06 18.82
C ILE A 73 -37.79 1.42 19.03
N PHE A 74 -36.77 2.28 19.00
CA PHE A 74 -36.96 3.72 19.15
C PHE A 74 -36.86 4.47 17.83
N GLY A 75 -36.46 3.81 16.75
CA GLY A 75 -36.23 4.50 15.49
C GLY A 75 -35.11 5.51 15.58
N LYS A 76 -34.09 5.25 16.39
CA LYS A 76 -33.00 6.20 16.59
C LYS A 76 -31.81 5.83 15.73
N THR A 77 -31.19 6.81 15.08
CA THR A 77 -30.03 6.55 14.24
C THR A 77 -28.90 7.51 14.58
N ASN A 78 -27.68 7.05 14.35
CA ASN A 78 -26.49 7.89 14.50
C ASN A 78 -25.44 7.42 13.51
N TYR A 79 -24.55 8.34 13.12
CA TYR A 79 -23.56 8.07 12.09
C TYR A 79 -22.23 8.71 12.45
N ALA A 80 -21.14 8.09 11.99
CA ALA A 80 -19.83 8.72 12.06
C ALA A 80 -19.75 9.87 11.07
N GLN A 81 -18.93 10.87 11.42
CA GLN A 81 -18.87 12.09 10.61
C GLN A 81 -18.39 11.81 9.19
N LYS A 82 -17.53 10.81 9.01
CA LYS A 82 -17.04 10.50 7.67
C LYS A 82 -18.15 10.00 6.75
N PHE A 83 -19.20 9.39 7.30
CA PHE A 83 -20.23 8.77 6.50
C PHE A 83 -21.58 9.48 6.58
N GLN A 84 -21.73 10.47 7.47
CA GLN A 84 -22.99 11.19 7.57
C GLN A 84 -23.33 11.86 6.24
N GLY A 85 -24.58 11.72 5.82
CA GLY A 85 -25.03 12.26 4.55
C GLY A 85 -24.94 11.30 3.39
N ARG A 86 -24.11 10.26 3.50
CA ARG A 86 -23.97 9.26 2.45
C ARG A 86 -24.57 7.91 2.83
N VAL A 87 -24.61 7.58 4.11
CA VAL A 87 -25.14 6.31 4.59
C VAL A 87 -26.48 6.59 5.26
N THR A 88 -27.42 5.68 5.06
CA THR A 88 -28.72 5.73 5.72
C THR A 88 -29.05 4.33 6.22
N ILE A 89 -29.39 4.23 7.49
CA ILE A 89 -29.71 2.97 8.13
C ILE A 89 -31.19 2.99 8.48
N THR A 90 -31.88 1.92 8.13
CA THR A 90 -33.31 1.78 8.40
C THR A 90 -33.54 0.40 9.01
N ALA A 91 -34.74 0.18 9.52
CA ALA A 91 -35.00 -1.09 10.18
C ALA A 91 -36.49 -1.39 10.18
N ASP A 92 -36.81 -2.67 10.30
CA ASP A 92 -38.16 -3.16 10.54
C ASP A 92 -38.08 -4.07 11.76
N ALA A 93 -38.64 -3.60 12.87
CA ALA A 93 -38.66 -4.40 14.09
C ALA A 93 -39.56 -5.63 13.95
N SER A 94 -40.59 -5.55 13.09
CA SER A 94 -41.52 -6.65 12.95
C SER A 94 -40.85 -7.92 12.42
N THR A 95 -39.79 -7.76 11.64
CA THR A 95 -39.00 -8.89 11.18
C THR A 95 -37.58 -8.84 11.73
N SER A 96 -37.30 -7.95 12.68
CA SER A 96 -35.97 -7.77 13.27
C SER A 96 -34.89 -7.71 12.20
N THR A 97 -35.12 -6.86 11.19
CA THR A 97 -34.19 -6.71 10.09
C THR A 97 -33.69 -5.27 10.04
N ALA A 98 -32.40 -5.10 9.81
CA ALA A 98 -31.81 -3.78 9.61
C ALA A 98 -31.24 -3.70 8.20
N TYR A 99 -31.17 -2.48 7.66
CA TYR A 99 -30.66 -2.23 6.34
C TYR A 99 -29.71 -1.03 6.38
N MET A 100 -28.64 -1.11 5.59
CA MET A 100 -27.71 -0.01 5.43
C MET A 100 -27.58 0.27 3.93
N GLU A 101 -27.86 1.51 3.54
CA GLU A 101 -27.73 1.95 2.15
C GLU A 101 -26.63 2.99 2.07
N LEU A 102 -25.66 2.76 1.17
CA LEU A 102 -24.52 3.65 0.96
C LEU A 102 -24.49 4.09 -0.49
N GLY A 103 -24.56 5.41 -0.71
CA GLY A 103 -24.68 5.96 -2.05
C GLY A 103 -23.39 6.59 -2.57
N SER A 104 -23.46 7.00 -3.85
CA SER A 104 -22.33 7.55 -4.59
C SER A 104 -21.06 6.72 -4.37
N LEU A 105 -21.16 5.45 -4.73
CA LEU A 105 -20.08 4.50 -4.49
C LEU A 105 -18.85 4.83 -5.32
N THR A 106 -17.68 4.67 -4.71
CA THR A 106 -16.39 4.69 -5.38
C THR A 106 -15.60 3.46 -4.96
N SER A 107 -14.42 3.30 -5.55
CA SER A 107 -13.61 2.12 -5.22
C SER A 107 -13.04 2.17 -3.81
N GLU A 108 -13.07 3.33 -3.15
CA GLU A 108 -12.74 3.40 -1.73
C GLU A 108 -13.80 2.75 -0.86
N ASP A 109 -14.99 2.50 -1.39
CA ASP A 109 -16.07 1.88 -0.63
C ASP A 109 -16.07 0.36 -0.74
N THR A 110 -15.25 -0.22 -1.60
CA THR A 110 -15.10 -1.66 -1.66
C THR A 110 -14.60 -2.19 -0.33
N ALA A 111 -15.39 -3.02 0.33
CA ALA A 111 -15.06 -3.45 1.68
C ALA A 111 -16.00 -4.57 2.08
N MET A 112 -15.63 -5.26 3.15
CA MET A 112 -16.55 -6.15 3.84
C MET A 112 -17.37 -5.34 4.83
N TYR A 113 -18.69 -5.47 4.75
CA TYR A 113 -19.61 -4.73 5.59
C TYR A 113 -20.26 -5.70 6.56
N TYR A 114 -19.94 -5.56 7.86
CA TYR A 114 -20.49 -6.36 8.95
C TYR A 114 -21.60 -5.58 9.66
N CYS A 115 -22.68 -6.26 10.01
CA CYS A 115 -23.56 -5.84 11.10
C CYS A 115 -23.09 -6.47 12.41
N ALA A 116 -23.08 -5.67 13.47
CA ALA A 116 -22.86 -6.10 14.85
C ALA A 116 -24.04 -5.68 15.70
N ARG A 117 -24.23 -6.38 16.82
CA ARG A 117 -25.37 -6.13 17.69
C ARG A 117 -24.91 -5.66 19.06
N VAL A 118 -25.66 -4.70 19.63
CA VAL A 118 -25.60 -4.38 21.04
C VAL A 118 -26.93 -4.81 21.65
N GLU A 119 -26.87 -5.71 22.65
CA GLU A 119 -28.08 -6.34 23.16
C GLU A 119 -28.96 -5.34 23.91
N ASP A 120 -28.37 -4.53 24.79
CA ASP A 120 -29.09 -3.55 25.58
C ASP A 120 -28.37 -2.21 25.45
N THR A 121 -29.03 -1.23 24.83
CA THR A 121 -28.39 0.05 24.60
C THR A 121 -28.19 0.82 25.91
N ALA A 122 -29.04 0.58 26.90
CA ALA A 122 -28.86 1.24 28.20
C ALA A 122 -27.76 0.59 29.04
N LEU A 123 -27.54 -0.71 28.87
CA LEU A 123 -26.62 -1.47 29.71
C LEU A 123 -25.34 -1.89 29.03
N ASP A 124 -25.40 -2.28 27.76
CA ASP A 124 -24.25 -2.81 27.04
C ASP A 124 -23.62 -1.73 26.18
N HIS A 125 -22.29 -1.74 26.10
CA HIS A 125 -21.54 -0.78 25.29
C HIS A 125 -20.47 -1.49 24.47
N TYR A 126 -20.81 -2.65 23.92
CA TYR A 126 -19.89 -3.47 23.15
C TYR A 126 -20.70 -4.34 22.21
N PHE A 127 -20.01 -4.96 21.25
CA PHE A 127 -20.66 -5.77 20.23
C PHE A 127 -20.46 -7.25 20.57
N ASP A 128 -21.55 -7.93 20.92
CA ASP A 128 -21.45 -9.34 21.29
C ASP A 128 -21.62 -10.28 20.11
N TYR A 129 -22.49 -9.94 19.17
CA TYR A 129 -22.76 -10.79 18.01
C TYR A 129 -22.47 -10.03 16.73
N TRP A 130 -21.90 -10.73 15.75
CA TRP A 130 -21.54 -10.15 14.46
C TRP A 130 -22.16 -10.97 13.34
N GLY A 131 -22.56 -10.28 12.27
CA GLY A 131 -22.94 -10.97 11.06
C GLY A 131 -21.72 -11.56 10.36
N GLN A 132 -22.00 -12.40 9.35
CA GLN A 132 -20.91 -13.02 8.60
C GLN A 132 -20.20 -12.05 7.66
N GLY A 133 -20.77 -10.86 7.44
CA GLY A 133 -20.16 -9.89 6.57
C GLY A 133 -20.58 -10.03 5.12
N ALA A 134 -20.78 -8.92 4.42
CA ALA A 134 -21.11 -8.93 3.00
C ALA A 134 -20.06 -8.12 2.27
N LEU A 135 -19.41 -8.73 1.28
CA LEU A 135 -18.33 -8.05 0.57
C LEU A 135 -18.91 -7.28 -0.60
N VAL A 136 -18.70 -5.97 -0.62
CA VAL A 136 -19.20 -5.11 -1.67
C VAL A 136 -18.00 -4.60 -2.45
N THR A 137 -17.92 -5.01 -3.72
CA THR A 137 -16.84 -4.63 -4.61
C THR A 137 -17.37 -3.57 -5.57
N VAL A 138 -16.76 -2.39 -5.53
CA VAL A 138 -17.13 -1.31 -6.43
C VAL A 138 -16.22 -1.37 -7.64
N SER A 139 -16.80 -1.73 -8.79
CA SER A 139 -16.03 -1.89 -10.02
C SER A 139 -16.95 -1.73 -11.21
N SER A 140 -16.37 -1.30 -12.33
CA SER A 140 -17.11 -1.25 -13.58
C SER A 140 -17.06 -2.57 -14.34
N ALA A 141 -16.18 -3.49 -13.96
CA ALA A 141 -16.13 -4.79 -14.61
C ALA A 141 -17.39 -5.58 -14.31
N SER A 142 -17.68 -6.53 -15.21
CA SER A 142 -18.88 -7.34 -15.15
C SER A 142 -18.69 -8.59 -14.31
N THR A 143 -19.80 -9.13 -13.80
CA THR A 143 -19.75 -10.37 -13.05
C THR A 143 -19.45 -11.52 -13.98
N LYS A 144 -18.60 -12.45 -13.52
CA LYS A 144 -18.20 -13.60 -14.32
C LYS A 144 -18.15 -14.84 -13.45
N GLY A 145 -18.83 -15.90 -13.89
CA GLY A 145 -18.79 -17.16 -13.19
C GLY A 145 -17.48 -17.88 -13.44
N PRO A 146 -17.12 -18.79 -12.56
CA PRO A 146 -15.83 -19.48 -12.67
C PRO A 146 -15.89 -20.64 -13.64
N SER A 147 -14.73 -20.94 -14.23
CA SER A 147 -14.53 -22.19 -14.95
C SER A 147 -13.73 -23.13 -14.05
N VAL A 148 -14.20 -24.37 -13.93
CA VAL A 148 -13.62 -25.33 -13.00
C VAL A 148 -12.95 -26.43 -13.81
N PHE A 149 -11.73 -26.77 -13.43
CA PHE A 149 -10.99 -27.82 -14.10
C PHE A 149 -10.47 -28.84 -13.07
N PRO A 150 -10.38 -30.10 -13.45
CA PRO A 150 -9.88 -31.11 -12.51
C PRO A 150 -8.36 -31.13 -12.46
N LEU A 151 -7.85 -31.38 -11.26
CA LEU A 151 -6.42 -31.63 -11.03
C LEU A 151 -6.32 -33.10 -10.65
N ALA A 152 -6.02 -33.93 -11.63
CA ALA A 152 -6.02 -35.38 -11.43
C ALA A 152 -4.82 -35.80 -10.58
N PRO A 153 -4.98 -36.85 -9.76
CA PRO A 153 -3.82 -37.32 -8.98
C PRO A 153 -2.68 -37.81 -9.85
N SER A 154 -2.96 -38.74 -10.76
CA SER A 154 -2.03 -39.24 -11.77
C SER A 154 -0.77 -39.85 -11.18
N SER A 155 -0.73 -40.07 -9.86
CA SER A 155 0.44 -40.61 -9.20
C SER A 155 -0.01 -41.65 -8.17
N LYS A 156 0.96 -42.41 -7.67
CA LYS A 156 0.69 -43.45 -6.69
C LYS A 156 1.92 -43.63 -5.81
N SER A 157 1.69 -43.88 -4.52
CA SER A 157 2.76 -44.11 -3.56
C SER A 157 2.68 -45.47 -2.91
N THR A 158 1.51 -45.87 -2.42
CA THR A 158 1.34 -47.11 -1.69
C THR A 158 -0.13 -47.50 -1.77
N SER A 159 -0.55 -48.41 -0.89
CA SER A 159 -1.97 -48.77 -0.80
C SER A 159 -2.82 -47.52 -0.59
N GLY A 160 -2.45 -46.70 0.39
CA GLY A 160 -2.97 -45.34 0.52
C GLY A 160 -1.88 -44.31 0.27
N GLY A 161 -0.77 -44.40 1.01
CA GLY A 161 0.39 -43.55 0.83
C GLY A 161 0.03 -42.09 0.61
N THR A 162 0.47 -41.53 -0.52
CA THR A 162 0.18 -40.15 -0.87
C THR A 162 -0.61 -40.09 -2.16
N ALA A 163 -1.59 -39.18 -2.20
CA ALA A 163 -2.34 -38.91 -3.42
C ALA A 163 -3.04 -37.58 -3.24
N ALA A 164 -2.71 -36.60 -4.08
CA ALA A 164 -3.34 -35.28 -4.02
C ALA A 164 -4.14 -35.06 -5.29
N LEU A 165 -5.45 -34.83 -5.15
CA LEU A 165 -6.25 -34.43 -6.31
C LEU A 165 -6.96 -33.13 -5.94
N GLY A 166 -7.57 -32.49 -6.92
CA GLY A 166 -8.19 -31.22 -6.60
C GLY A 166 -8.95 -30.61 -7.75
N CYS A 167 -9.29 -29.34 -7.56
CA CYS A 167 -10.05 -28.56 -8.53
C CYS A 167 -9.45 -27.16 -8.62
N LEU A 168 -9.30 -26.69 -9.86
CA LEU A 168 -8.84 -25.34 -10.15
C LEU A 168 -10.02 -24.49 -10.56
N VAL A 169 -10.31 -23.45 -9.78
CA VAL A 169 -11.42 -22.54 -9.99
C VAL A 169 -10.84 -21.26 -10.58
N LYS A 170 -11.11 -21.03 -11.87
CA LYS A 170 -10.38 -20.06 -12.67
C LYS A 170 -11.32 -18.96 -13.17
N ASP A 171 -10.79 -17.74 -13.22
CA ASP A 171 -11.38 -16.62 -13.96
C ASP A 171 -12.81 -16.32 -13.49
N TYR A 172 -12.93 -15.92 -12.23
CA TYR A 172 -14.22 -15.50 -11.70
C TYR A 172 -14.10 -14.11 -11.09
N PHE A 173 -15.24 -13.42 -11.02
CA PHE A 173 -15.29 -12.07 -10.47
C PHE A 173 -16.72 -11.77 -10.06
N PRO A 174 -16.95 -11.18 -8.88
CA PRO A 174 -15.92 -10.89 -7.89
C PRO A 174 -15.78 -12.03 -6.88
N GLU A 175 -15.09 -11.75 -5.77
CA GLU A 175 -15.03 -12.67 -4.66
C GLU A 175 -16.38 -12.70 -3.94
N PRO A 176 -16.68 -13.79 -3.21
CA PRO A 176 -15.91 -15.02 -3.05
C PRO A 176 -16.55 -16.23 -3.73
N VAL A 177 -15.83 -17.36 -3.70
CA VAL A 177 -16.36 -18.65 -4.11
C VAL A 177 -16.17 -19.62 -2.95
N THR A 178 -17.08 -20.57 -2.83
CA THR A 178 -16.96 -21.63 -1.83
C THR A 178 -16.80 -22.97 -2.54
N VAL A 179 -16.07 -23.88 -1.91
CA VAL A 179 -15.77 -25.18 -2.48
C VAL A 179 -16.02 -26.27 -1.44
N SER A 180 -16.81 -27.26 -1.82
CA SER A 180 -17.03 -28.47 -1.02
C SER A 180 -16.62 -29.68 -1.84
N TRP A 181 -16.48 -30.82 -1.17
CA TRP A 181 -16.15 -32.06 -1.86
C TRP A 181 -17.23 -33.09 -1.61
N ASN A 182 -17.72 -33.69 -2.69
CA ASN A 182 -18.84 -34.65 -2.67
C ASN A 182 -20.02 -34.10 -1.87
N SER A 183 -20.32 -32.81 -2.07
CA SER A 183 -21.47 -32.15 -1.44
C SER A 183 -21.40 -32.24 0.08
N GLY A 184 -20.20 -32.34 0.64
CA GLY A 184 -20.02 -32.46 2.08
C GLY A 184 -19.71 -33.84 2.60
N ALA A 185 -19.69 -34.87 1.74
CA ALA A 185 -19.38 -36.21 2.21
C ALA A 185 -17.90 -36.39 2.51
N LEU A 186 -17.03 -35.66 1.83
CA LEU A 186 -15.58 -35.68 2.02
C LEU A 186 -15.21 -34.40 2.75
N THR A 187 -14.73 -34.52 4.00
CA THR A 187 -14.61 -33.28 4.78
C THR A 187 -13.22 -32.92 5.25
N SER A 188 -12.43 -33.86 5.78
CA SER A 188 -11.11 -33.54 6.28
C SER A 188 -10.05 -34.02 5.30
N GLY A 189 -8.87 -33.41 5.41
CA GLY A 189 -7.86 -33.52 4.38
C GLY A 189 -8.14 -32.74 3.13
N VAL A 190 -9.17 -31.91 3.13
CA VAL A 190 -9.46 -30.97 2.05
C VAL A 190 -8.84 -29.64 2.44
N HIS A 191 -8.27 -28.95 1.46
CA HIS A 191 -7.54 -27.71 1.70
C HIS A 191 -7.86 -26.77 0.54
N THR A 192 -8.60 -25.69 0.83
CA THR A 192 -8.97 -24.70 -0.15
C THR A 192 -8.08 -23.48 0.03
N PHE A 193 -7.29 -23.17 -0.97
CA PHE A 193 -6.30 -22.11 -0.88
C PHE A 193 -6.95 -20.75 -1.17
N PRO A 194 -6.47 -19.68 -0.54
CA PRO A 194 -6.94 -18.34 -0.89
C PRO A 194 -6.69 -18.03 -2.36
N ALA A 195 -7.57 -17.21 -2.92
CA ALA A 195 -7.52 -16.91 -4.34
C ALA A 195 -6.41 -15.91 -4.66
N VAL A 196 -5.89 -16.02 -5.88
CA VAL A 196 -4.98 -15.01 -6.43
C VAL A 196 -5.81 -14.05 -7.28
N LEU A 197 -5.39 -12.79 -7.30
CA LEU A 197 -5.98 -11.78 -8.17
C LEU A 197 -5.04 -11.63 -9.36
N GLN A 198 -5.50 -12.06 -10.54
CA GLN A 198 -4.64 -12.06 -11.70
C GLN A 198 -4.50 -10.64 -12.27
N SER A 199 -3.59 -10.51 -13.24
CA SER A 199 -3.40 -9.23 -13.90
C SER A 199 -4.65 -8.75 -14.62
N SER A 200 -5.54 -9.67 -14.98
CA SER A 200 -6.77 -9.33 -15.69
C SER A 200 -7.87 -8.83 -14.77
N GLY A 201 -7.63 -8.77 -13.46
CA GLY A 201 -8.68 -8.43 -12.53
C GLY A 201 -9.60 -9.57 -12.14
N LEU A 202 -9.31 -10.78 -12.61
CA LEU A 202 -10.09 -11.97 -12.28
C LEU A 202 -9.37 -12.80 -11.22
N TYR A 203 -10.15 -13.58 -10.47
CA TYR A 203 -9.63 -14.38 -9.38
C TYR A 203 -9.48 -15.84 -9.79
N SER A 204 -8.61 -16.54 -9.07
CA SER A 204 -8.41 -17.97 -9.28
C SER A 204 -7.92 -18.59 -7.99
N LEU A 205 -8.45 -19.76 -7.65
CA LEU A 205 -7.97 -20.51 -6.49
C LEU A 205 -7.98 -22.00 -6.83
N SER A 206 -7.51 -22.81 -5.87
CA SER A 206 -7.52 -24.26 -6.00
C SER A 206 -7.96 -24.86 -4.67
N SER A 207 -8.54 -26.05 -4.74
CA SER A 207 -8.87 -26.81 -3.55
C SER A 207 -8.54 -28.28 -3.78
N VAL A 208 -7.80 -28.89 -2.85
CA VAL A 208 -7.24 -30.21 -3.04
C VAL A 208 -7.55 -31.09 -1.83
N VAL A 209 -7.82 -32.37 -2.10
CA VAL A 209 -7.98 -33.37 -1.04
C VAL A 209 -6.95 -34.48 -1.23
N THR A 210 -6.45 -34.99 -0.11
CA THR A 210 -5.51 -36.09 -0.06
C THR A 210 -6.26 -37.32 0.43
N VAL A 211 -6.37 -38.34 -0.43
CA VAL A 211 -7.14 -39.54 -0.12
C VAL A 211 -6.25 -40.76 -0.28
N PRO A 212 -6.68 -41.94 0.15
CA PRO A 212 -5.90 -43.15 -0.11
C PRO A 212 -5.79 -43.46 -1.60
N SER A 213 -4.64 -44.02 -1.98
CA SER A 213 -4.39 -44.34 -3.39
C SER A 213 -5.29 -45.47 -3.86
N SER A 214 -5.67 -46.37 -2.95
CA SER A 214 -6.66 -47.38 -3.30
C SER A 214 -7.98 -46.75 -3.72
N SER A 215 -8.38 -45.67 -3.04
CA SER A 215 -9.69 -45.07 -3.24
C SER A 215 -9.99 -44.73 -4.71
N LEU A 216 -8.98 -44.25 -5.46
CA LEU A 216 -9.31 -43.64 -6.74
C LEU A 216 -9.77 -44.66 -7.79
N GLY A 217 -9.44 -45.94 -7.62
CA GLY A 217 -10.03 -46.94 -8.49
C GLY A 217 -11.50 -47.15 -8.14
N THR A 218 -11.81 -47.11 -6.86
CA THR A 218 -13.16 -47.31 -6.33
C THR A 218 -14.02 -46.07 -6.38
N GLN A 219 -13.64 -45.07 -5.59
CA GLN A 219 -14.51 -43.94 -5.28
C GLN A 219 -14.55 -42.89 -6.39
N THR A 220 -15.71 -42.27 -6.58
CA THR A 220 -15.87 -41.14 -7.50
C THR A 220 -15.74 -39.85 -6.72
N TYR A 221 -14.94 -38.93 -7.24
CA TYR A 221 -14.57 -37.69 -6.57
C TYR A 221 -15.07 -36.49 -7.35
N ILE A 222 -15.97 -35.73 -6.75
CA ILE A 222 -16.56 -34.54 -7.36
C ILE A 222 -16.33 -33.35 -6.44
N CYS A 223 -15.92 -32.22 -7.00
CA CYS A 223 -15.86 -30.96 -6.29
C CYS A 223 -17.04 -30.08 -6.69
N ASN A 224 -17.58 -29.34 -5.72
CA ASN A 224 -18.73 -28.47 -5.93
C ASN A 224 -18.34 -27.05 -5.59
N VAL A 225 -18.37 -26.18 -6.59
CA VAL A 225 -18.00 -24.77 -6.45
C VAL A 225 -19.28 -23.95 -6.51
N ASN A 226 -19.40 -23.00 -5.58
CA ASN A 226 -20.55 -22.11 -5.49
C ASN A 226 -20.05 -20.68 -5.61
N HIS A 227 -20.55 -19.95 -6.61
CA HIS A 227 -20.26 -18.55 -6.84
C HIS A 227 -21.60 -17.83 -6.78
N LYS A 228 -21.98 -17.41 -5.58
CA LYS A 228 -23.26 -16.73 -5.39
C LYS A 228 -23.37 -15.40 -6.14
N PRO A 229 -22.33 -14.56 -6.23
CA PRO A 229 -22.49 -13.29 -6.98
C PRO A 229 -22.95 -13.47 -8.42
N SER A 230 -22.58 -14.56 -9.07
CA SER A 230 -23.06 -14.86 -10.41
C SER A 230 -24.19 -15.88 -10.42
N ASN A 231 -24.61 -16.35 -9.24
CA ASN A 231 -25.63 -17.38 -9.10
C ASN A 231 -25.26 -18.66 -9.86
N THR A 232 -24.00 -19.07 -9.74
CA THR A 232 -23.48 -20.22 -10.47
C THR A 232 -23.07 -21.31 -9.49
N LYS A 233 -23.36 -22.56 -9.87
CA LYS A 233 -22.88 -23.73 -9.14
C LYS A 233 -22.30 -24.70 -10.15
N VAL A 234 -21.11 -25.21 -9.89
CA VAL A 234 -20.40 -26.09 -10.82
C VAL A 234 -19.98 -27.36 -10.08
N ASP A 235 -20.36 -28.51 -10.62
CA ASP A 235 -19.87 -29.79 -10.15
C ASP A 235 -18.88 -30.34 -11.17
N LYS A 236 -17.75 -30.86 -10.67
CA LYS A 236 -16.70 -31.37 -11.55
C LYS A 236 -16.12 -32.64 -10.95
N ARG A 237 -16.16 -33.72 -11.71
CA ARG A 237 -15.64 -35.01 -11.28
C ARG A 237 -14.17 -35.14 -11.64
N VAL A 238 -13.36 -35.61 -10.70
CA VAL A 238 -11.92 -35.69 -10.86
C VAL A 238 -11.56 -37.15 -11.10
N GLU A 239 -11.20 -37.47 -12.35
CA GLU A 239 -10.85 -38.80 -12.80
C GLU A 239 -9.36 -38.91 -13.08
N PRO A 240 -8.80 -40.13 -13.09
CA PRO A 240 -7.39 -40.31 -13.43
C PRO A 240 -7.11 -40.02 -14.90
N GLN B 21 -13.17 10.74 16.64
CA GLN B 21 -13.44 10.97 15.22
C GLN B 21 -12.43 10.20 14.36
N SER B 22 -11.18 10.19 14.80
CA SER B 22 -10.14 9.43 14.13
C SER B 22 -9.90 8.14 14.90
N ALA B 23 -9.23 7.20 14.25
CA ALA B 23 -9.07 5.87 14.84
C ALA B 23 -8.16 5.92 16.06
N LEU B 24 -8.41 5.00 16.98
CA LEU B 24 -7.52 4.84 18.13
C LEU B 24 -6.20 4.23 17.68
N THR B 25 -5.13 4.52 18.41
CA THR B 25 -3.78 4.19 17.98
C THR B 25 -3.34 2.87 18.59
N GLN B 26 -3.04 1.89 17.73
CA GLN B 26 -2.52 0.58 18.10
C GLN B 26 -1.20 0.31 17.38
N PRO B 27 -0.32 -0.50 17.95
CA PRO B 27 0.87 -0.93 17.21
C PRO B 27 0.48 -1.79 16.02
N ARG B 28 1.30 -1.73 14.97
CA ARG B 28 0.99 -2.50 13.76
C ARG B 28 1.19 -3.99 13.97
N SER B 29 2.12 -4.39 14.82
CA SER B 29 2.39 -5.82 14.99
C SER B 29 3.03 -6.07 16.35
N VAL B 30 2.72 -7.22 16.92
CA VAL B 30 3.36 -7.72 18.13
C VAL B 30 3.70 -9.19 17.88
N SER B 31 4.77 -9.66 18.54
CA SER B 31 5.25 -11.03 18.35
C SER B 31 5.72 -11.61 19.69
N GLY B 32 5.64 -12.92 19.80
CA GLY B 32 6.13 -13.62 20.97
C GLY B 32 6.14 -15.11 20.72
N SER B 33 6.99 -15.81 21.51
CA SER B 33 7.10 -17.25 21.40
C SER B 33 6.07 -17.94 22.28
N PRO B 34 5.81 -19.24 22.05
CA PRO B 34 4.80 -19.93 22.86
C PRO B 34 5.15 -19.91 24.34
N GLY B 35 4.15 -19.61 25.17
CA GLY B 35 4.33 -19.50 26.60
C GLY B 35 4.73 -18.13 27.09
N GLN B 36 5.07 -17.21 26.19
CA GLN B 36 5.45 -15.86 26.59
C GLN B 36 4.21 -14.99 26.79
N SER B 37 4.46 -13.73 27.12
CA SER B 37 3.39 -12.77 27.34
C SER B 37 3.65 -11.54 26.49
N VAL B 38 2.58 -10.97 25.93
CA VAL B 38 2.67 -9.74 25.15
C VAL B 38 1.52 -8.82 25.54
N THR B 39 1.64 -7.56 25.12
CA THR B 39 0.64 -6.55 25.41
C THR B 39 0.48 -5.63 24.21
N ILE B 40 -0.75 -5.22 23.95
CA ILE B 40 -1.13 -4.45 22.77
C ILE B 40 -1.80 -3.18 23.25
N SER B 41 -1.24 -2.04 22.89
CA SER B 41 -1.74 -0.74 23.34
C SER B 41 -2.80 -0.19 22.40
N CYS B 42 -3.58 0.74 22.93
CA CYS B 42 -4.72 1.34 22.23
C CYS B 42 -4.94 2.72 22.83
N THR B 43 -4.41 3.75 22.18
CA THR B 43 -4.41 5.12 22.72
C THR B 43 -5.48 5.94 22.03
N GLY B 44 -6.42 6.45 22.81
CA GLY B 44 -7.45 7.31 22.27
C GLY B 44 -7.33 8.72 22.81
N THR B 45 -8.46 9.38 23.03
CA THR B 45 -8.48 10.73 23.57
C THR B 45 -9.25 10.75 24.88
N SER B 46 -9.21 11.91 25.55
CA SER B 46 -10.01 12.12 26.75
C SER B 46 -11.49 11.91 26.47
N GLY B 47 -11.93 12.13 25.22
CA GLY B 47 -13.34 12.02 24.91
C GLY B 47 -13.87 10.60 24.82
N ASP B 48 -13.03 9.63 24.48
CA ASP B 48 -13.50 8.25 24.36
C ASP B 48 -12.86 7.31 25.38
N VAL B 49 -11.54 7.12 25.35
CA VAL B 49 -10.94 6.16 26.26
C VAL B 49 -10.77 6.75 27.65
N GLY B 50 -10.36 8.01 27.73
CA GLY B 50 -10.16 8.65 29.02
C GLY B 50 -11.43 8.91 29.79
N THR B 51 -12.58 8.96 29.11
CA THR B 51 -13.85 9.28 29.76
C THR B 51 -14.63 8.05 30.19
N TYR B 52 -14.81 7.08 29.28
CA TYR B 52 -15.62 5.92 29.55
C TYR B 52 -14.78 4.71 29.92
N ASN B 53 -15.38 3.80 30.68
CA ASN B 53 -14.81 2.50 30.99
C ASN B 53 -15.44 1.42 30.13
N TYR B 54 -15.69 1.77 28.88
CA TYR B 54 -16.41 0.94 27.92
C TYR B 54 -15.51 0.49 26.79
N VAL B 55 -14.27 0.15 27.11
CA VAL B 55 -13.32 -0.33 26.11
C VAL B 55 -13.54 -1.81 25.90
N SER B 56 -13.63 -2.22 24.63
CA SER B 56 -13.77 -3.62 24.27
C SER B 56 -12.67 -4.02 23.32
N TRP B 57 -12.43 -5.32 23.25
CA TRP B 57 -11.35 -5.90 22.44
C TRP B 57 -11.89 -7.09 21.69
N TYR B 58 -11.61 -7.12 20.38
CA TYR B 58 -12.10 -8.12 19.44
C TYR B 58 -10.94 -8.79 18.73
N GLN B 59 -11.06 -10.11 18.53
CA GLN B 59 -10.11 -10.91 17.77
C GLN B 59 -10.71 -11.26 16.42
N GLN B 60 -9.90 -11.15 15.36
CA GLN B 60 -10.33 -11.46 14.00
C GLN B 60 -9.31 -12.41 13.37
N LEU B 61 -9.75 -13.62 13.06
CA LEU B 61 -8.95 -14.59 12.33
C LEU B 61 -9.04 -14.33 10.83
N PRO B 62 -8.05 -14.81 10.01
CA PRO B 62 -8.08 -14.54 8.57
C PRO B 62 -9.33 -15.10 7.90
N GLY B 63 -10.18 -14.19 7.43
CA GLY B 63 -11.40 -14.57 6.76
C GLY B 63 -12.61 -14.84 7.63
N LYS B 64 -12.74 -14.18 8.77
CA LYS B 64 -13.86 -14.42 9.68
C LYS B 64 -14.28 -13.08 10.29
N ALA B 65 -15.46 -13.08 10.89
CA ALA B 65 -15.95 -11.91 11.61
C ALA B 65 -15.23 -11.72 12.95
N PRO B 66 -15.19 -10.49 13.46
CA PRO B 66 -14.56 -10.26 14.78
C PRO B 66 -15.29 -10.99 15.89
N LYS B 67 -14.55 -11.31 16.94
CA LYS B 67 -15.09 -11.99 18.12
C LYS B 67 -14.70 -11.21 19.36
N LEU B 68 -15.70 -10.89 20.19
CA LEU B 68 -15.50 -10.10 21.40
C LEU B 68 -14.62 -10.84 22.40
N MET B 69 -13.54 -10.20 22.83
CA MET B 69 -12.68 -10.84 23.82
C MET B 69 -12.69 -10.16 25.19
N ILE B 70 -12.58 -8.82 25.27
CA ILE B 70 -12.57 -8.11 26.57
C ILE B 70 -13.36 -6.80 26.75
N TYR B 71 -14.68 -6.84 26.49
CA TYR B 71 -15.59 -5.73 26.83
C TYR B 71 -15.42 -5.14 28.25
N ASP B 72 -15.83 -3.88 28.45
CA ASP B 72 -15.84 -3.30 29.81
C ASP B 72 -14.50 -3.38 30.53
N VAL B 73 -13.61 -2.41 30.28
CA VAL B 73 -12.19 -2.55 30.02
C VAL B 73 -11.58 -3.87 30.49
N THR B 74 -12.06 -4.42 31.60
CA THR B 74 -11.38 -5.56 32.22
C THR B 74 -12.13 -6.89 32.14
N ARG B 75 -13.38 -6.92 31.67
CA ARG B 75 -14.18 -8.14 31.77
C ARG B 75 -14.01 -9.07 30.58
N ARG B 76 -14.08 -10.38 30.86
CA ARG B 76 -14.01 -11.45 29.86
C ARG B 76 -15.40 -12.02 29.64
N PRO B 77 -15.87 -12.17 28.41
CA PRO B 77 -17.10 -12.93 28.18
C PRO B 77 -16.86 -14.40 28.47
N SER B 78 -17.96 -15.10 28.72
CA SER B 78 -17.86 -16.51 29.06
C SER B 78 -17.26 -17.28 27.89
N GLY B 79 -16.35 -18.20 28.20
CA GLY B 79 -15.65 -18.97 27.19
C GLY B 79 -14.29 -18.43 26.81
N VAL B 80 -14.05 -17.14 27.02
CA VAL B 80 -12.76 -16.56 26.66
C VAL B 80 -11.73 -16.96 27.70
N PRO B 81 -10.57 -17.50 27.29
CA PRO B 81 -9.61 -18.00 28.29
C PRO B 81 -9.08 -16.87 29.16
N ASP B 82 -8.68 -17.23 30.38
CA ASP B 82 -8.17 -16.27 31.35
C ASP B 82 -6.83 -15.66 30.94
N ARG B 83 -6.19 -16.18 29.90
CA ARG B 83 -4.94 -15.61 29.40
C ARG B 83 -5.11 -14.21 28.83
N PHE B 84 -6.33 -13.85 28.44
CA PHE B 84 -6.62 -12.52 27.91
C PHE B 84 -7.12 -11.63 29.04
N SER B 85 -6.40 -10.54 29.31
CA SER B 85 -6.79 -9.56 30.32
C SER B 85 -6.75 -8.15 29.72
N GLY B 86 -7.52 -7.24 30.31
CA GLY B 86 -7.63 -5.87 29.81
C GLY B 86 -7.29 -4.87 30.86
N SER B 87 -6.72 -3.72 30.43
CA SER B 87 -6.24 -2.69 31.33
C SER B 87 -6.50 -1.32 30.71
N LYS B 88 -6.52 -0.28 31.55
CA LYS B 88 -6.62 1.09 31.06
C LYS B 88 -5.94 2.05 32.04
N SER B 89 -5.20 3.00 31.48
CA SER B 89 -4.58 4.08 32.23
C SER B 89 -4.75 5.34 31.42
N GLY B 90 -5.40 6.34 32.00
CA GLY B 90 -5.60 7.60 31.30
C GLY B 90 -6.36 7.40 30.00
N ASN B 91 -5.71 7.75 28.88
CA ASN B 91 -6.30 7.66 27.56
C ASN B 91 -5.88 6.39 26.82
N THR B 92 -5.25 5.43 27.48
CA THR B 92 -4.69 4.26 26.81
C THR B 92 -5.18 2.99 27.46
N ALA B 93 -5.84 2.13 26.68
CA ALA B 93 -6.17 0.79 27.11
C ALA B 93 -5.17 -0.20 26.50
N SER B 94 -5.14 -1.40 27.06
CA SER B 94 -4.16 -2.40 26.69
C SER B 94 -4.77 -3.79 26.82
N LEU B 95 -4.52 -4.63 25.83
CA LEU B 95 -4.88 -6.04 25.88
C LEU B 95 -3.63 -6.85 26.17
N THR B 96 -3.67 -7.66 27.22
CA THR B 96 -2.54 -8.48 27.64
C THR B 96 -2.86 -9.94 27.37
N ILE B 97 -1.96 -10.62 26.67
CA ILE B 97 -2.09 -12.05 26.40
C ILE B 97 -0.92 -12.76 27.08
N SER B 98 -1.23 -13.60 28.06
CA SER B 98 -0.25 -14.38 28.76
C SER B 98 -0.27 -15.81 28.20
N GLY B 99 0.87 -16.48 28.30
CA GLY B 99 0.97 -17.85 27.82
C GLY B 99 0.52 -17.98 26.39
N LEU B 100 1.24 -17.36 25.46
CA LEU B 100 0.83 -17.33 24.07
C LEU B 100 0.71 -18.74 23.50
N GLN B 101 -0.35 -18.97 22.73
CA GLN B 101 -0.54 -20.19 21.97
C GLN B 101 -0.63 -19.86 20.49
N ALA B 102 -0.32 -20.85 19.65
CA ALA B 102 -0.36 -20.64 18.21
C ALA B 102 -1.76 -20.26 17.74
N ASP B 103 -2.79 -20.68 18.46
CA ASP B 103 -4.16 -20.36 18.08
C ASP B 103 -4.51 -18.89 18.31
N ASP B 104 -3.63 -18.12 18.94
CA ASP B 104 -3.90 -16.71 19.21
C ASP B 104 -3.51 -15.80 18.04
N GLU B 105 -2.77 -16.32 17.07
CA GLU B 105 -2.34 -15.51 15.93
C GLU B 105 -3.55 -14.95 15.19
N ALA B 106 -3.65 -13.62 15.16
CA ALA B 106 -4.83 -12.97 14.61
C ALA B 106 -4.69 -11.46 14.60
N ASP B 107 -5.67 -10.76 14.05
CA ASP B 107 -5.73 -9.31 14.15
C ASP B 107 -6.55 -8.94 15.38
N TYR B 108 -6.05 -8.03 16.19
CA TYR B 108 -6.74 -7.61 17.40
C TYR B 108 -7.11 -6.13 17.28
N TYR B 109 -8.37 -5.82 17.53
CA TYR B 109 -8.90 -4.47 17.40
C TYR B 109 -9.45 -4.03 18.75
N CYS B 110 -9.10 -2.82 19.17
CA CYS B 110 -9.73 -2.18 20.31
C CYS B 110 -10.86 -1.28 19.82
N CYS B 111 -11.81 -1.04 20.72
CA CYS B 111 -13.00 -0.26 20.43
C CYS B 111 -13.40 0.51 21.69
N SER B 112 -13.85 1.75 21.51
CA SER B 112 -14.29 2.56 22.63
C SER B 112 -15.61 3.26 22.33
N TYR B 113 -16.49 3.27 23.33
CA TYR B 113 -17.63 4.18 23.33
C TYR B 113 -17.11 5.61 23.28
N ALA B 114 -17.78 6.46 22.49
CA ALA B 114 -17.31 7.84 22.32
C ALA B 114 -18.48 8.81 22.36
N GLY B 115 -19.45 8.53 23.22
CA GLY B 115 -20.67 9.31 23.29
C GLY B 115 -21.87 8.48 22.88
N THR B 116 -23.04 9.11 22.99
CA THR B 116 -24.31 8.43 22.74
C THR B 116 -24.33 7.77 21.35
N LEU B 117 -24.55 6.46 21.35
CA LEU B 117 -24.67 5.68 20.11
C LEU B 117 -23.47 5.95 19.18
N THR B 118 -22.28 5.98 19.76
CA THR B 118 -21.06 6.27 19.02
C THR B 118 -19.94 5.36 19.49
N TRP B 119 -19.20 4.81 18.55
CA TRP B 119 -18.05 3.98 18.85
C TRP B 119 -16.93 4.32 17.88
N VAL B 120 -15.70 4.07 18.33
CA VAL B 120 -14.51 4.29 17.50
C VAL B 120 -13.60 3.09 17.67
N PHE B 121 -13.08 2.58 16.56
CA PHE B 121 -12.19 1.43 16.55
C PHE B 121 -10.74 1.87 16.45
N GLY B 122 -9.85 1.01 16.93
CA GLY B 122 -8.43 1.20 16.69
C GLY B 122 -8.03 0.64 15.34
N GLY B 123 -6.78 0.93 14.95
CA GLY B 123 -6.29 0.52 13.65
C GLY B 123 -6.03 -0.97 13.51
N GLY B 124 -5.88 -1.68 14.62
CA GLY B 124 -5.63 -3.11 14.58
C GLY B 124 -4.17 -3.45 14.78
N THR B 125 -3.93 -4.63 15.34
CA THR B 125 -2.59 -5.12 15.62
C THR B 125 -2.50 -6.58 15.19
N LYS B 126 -1.52 -6.91 14.35
CA LYS B 126 -1.33 -8.30 13.93
C LYS B 126 -0.46 -9.02 14.95
N LEU B 127 -0.98 -10.12 15.50
CA LEU B 127 -0.27 -10.92 16.49
C LEU B 127 0.15 -12.24 15.86
N THR B 128 1.46 -12.47 15.82
CA THR B 128 2.08 -13.69 15.30
C THR B 128 2.89 -14.35 16.41
N VAL B 129 2.77 -15.67 16.51
CA VAL B 129 3.51 -16.45 17.51
C VAL B 129 4.67 -17.15 16.80
N LEU B 130 5.88 -16.67 17.06
CA LEU B 130 7.08 -17.25 16.47
C LEU B 130 7.65 -18.34 17.37
N GLY B 131 8.71 -18.98 16.89
CA GLY B 131 9.42 -19.97 17.68
C GLY B 131 8.83 -21.36 17.71
N GLN B 132 7.75 -21.62 16.97
CA GLN B 132 7.18 -22.95 16.94
C GLN B 132 8.12 -23.88 16.17
N PRO B 133 7.95 -25.20 16.30
CA PRO B 133 8.84 -26.13 15.58
C PRO B 133 8.78 -25.90 14.08
N LYS B 134 9.95 -25.99 13.45
CA LYS B 134 10.08 -25.87 12.00
C LYS B 134 9.37 -27.02 11.30
N ALA B 135 8.77 -26.72 10.15
CA ALA B 135 8.07 -27.72 9.34
C ALA B 135 8.41 -27.49 7.88
N ALA B 136 8.95 -28.52 7.22
CA ALA B 136 9.27 -28.42 5.81
C ALA B 136 8.00 -28.48 4.97
N PRO B 137 7.97 -27.74 3.86
CA PRO B 137 6.74 -27.67 3.06
C PRO B 137 6.50 -28.91 2.21
N SER B 138 5.24 -29.33 2.17
CA SER B 138 4.76 -30.28 1.18
C SER B 138 4.47 -29.55 -0.12
N VAL B 139 4.99 -30.07 -1.23
CA VAL B 139 4.87 -29.42 -2.53
C VAL B 139 4.20 -30.38 -3.49
N THR B 140 3.14 -29.93 -4.15
CA THR B 140 2.49 -30.71 -5.20
C THR B 140 2.38 -29.86 -6.45
N LEU B 141 2.82 -30.41 -7.57
CA LEU B 141 2.78 -29.71 -8.85
C LEU B 141 1.82 -30.45 -9.78
N PHE B 142 0.83 -29.73 -10.28
CA PHE B 142 -0.20 -30.26 -11.15
C PHE B 142 0.00 -29.72 -12.57
N PRO B 143 0.03 -30.62 -13.54
CA PRO B 143 0.13 -30.21 -14.95
C PRO B 143 -1.18 -29.63 -15.43
N PRO B 144 -1.19 -28.96 -16.58
CA PRO B 144 -2.46 -28.45 -17.10
C PRO B 144 -3.41 -29.59 -17.42
N SER B 145 -4.66 -29.46 -16.99
CA SER B 145 -5.68 -30.42 -17.37
C SER B 145 -5.84 -30.44 -18.88
N SER B 146 -6.06 -31.63 -19.43
CA SER B 146 -6.31 -31.73 -20.86
C SER B 146 -7.65 -31.14 -21.24
N GLU B 147 -8.56 -30.97 -20.25
CA GLU B 147 -9.77 -30.19 -20.48
C GLU B 147 -9.44 -28.73 -20.73
N GLU B 148 -8.54 -28.16 -19.92
CA GLU B 148 -8.10 -26.78 -20.11
C GLU B 148 -7.35 -26.62 -21.42
N LEU B 149 -6.48 -27.58 -21.74
CA LEU B 149 -5.78 -27.54 -23.02
C LEU B 149 -6.76 -27.64 -24.20
N GLN B 150 -7.84 -28.40 -24.03
CA GLN B 150 -8.89 -28.40 -25.03
C GLN B 150 -9.54 -27.03 -25.17
N ALA B 151 -9.61 -26.27 -24.07
CA ALA B 151 -10.13 -24.91 -24.08
C ALA B 151 -9.07 -23.88 -24.44
N ASN B 152 -7.94 -24.32 -24.99
CA ASN B 152 -6.88 -23.44 -25.49
C ASN B 152 -6.20 -22.63 -24.38
N LYS B 153 -6.01 -23.25 -23.20
CA LYS B 153 -5.27 -22.62 -22.12
C LYS B 153 -4.41 -23.70 -21.46
N ALA B 154 -3.42 -23.23 -20.68
CA ALA B 154 -2.59 -24.10 -19.87
C ALA B 154 -2.25 -23.38 -18.58
N THR B 155 -2.44 -24.05 -17.45
CA THR B 155 -2.14 -23.46 -16.15
C THR B 155 -1.37 -24.48 -15.33
N LEU B 156 -0.17 -24.13 -14.90
CA LEU B 156 0.59 -24.97 -14.00
C LEU B 156 0.32 -24.56 -12.57
N VAL B 157 0.00 -25.54 -11.72
CA VAL B 157 -0.48 -25.21 -10.37
C VAL B 157 0.44 -25.87 -9.36
N CYS B 158 1.09 -25.06 -8.53
CA CYS B 158 2.04 -25.55 -7.55
C CYS B 158 1.54 -25.15 -6.16
N LEU B 159 1.19 -26.15 -5.36
CA LEU B 159 0.58 -25.92 -4.05
C LEU B 159 1.55 -26.34 -2.96
N ILE B 160 1.72 -25.46 -1.97
CA ILE B 160 2.70 -25.61 -0.90
C ILE B 160 1.93 -25.58 0.42
N SER B 161 2.20 -26.55 1.28
CA SER B 161 1.41 -26.70 2.50
C SER B 161 2.30 -27.13 3.66
N ASP B 162 1.76 -27.02 4.86
CA ASP B 162 2.32 -27.67 6.05
C ASP B 162 3.73 -27.19 6.37
N PHE B 163 4.01 -25.91 6.12
CA PHE B 163 5.32 -25.37 6.41
C PHE B 163 5.24 -24.32 7.51
N TYR B 164 6.32 -24.23 8.30
CA TYR B 164 6.46 -23.24 9.34
C TYR B 164 7.96 -22.95 9.49
N PRO B 165 8.37 -21.67 9.57
CA PRO B 165 7.58 -20.43 9.61
C PRO B 165 6.84 -20.12 8.30
N GLY B 166 5.83 -19.26 8.38
CA GLY B 166 4.97 -19.00 7.25
C GLY B 166 5.54 -18.05 6.22
N ALA B 167 6.57 -18.48 5.50
CA ALA B 167 7.16 -17.66 4.45
C ALA B 167 7.97 -18.57 3.53
N VAL B 168 7.71 -18.49 2.23
CA VAL B 168 8.45 -19.23 1.22
C VAL B 168 8.70 -18.31 0.03
N THR B 169 9.60 -18.76 -0.85
CA THR B 169 9.86 -18.09 -2.12
C THR B 169 9.69 -19.11 -3.23
N VAL B 170 8.99 -18.73 -4.30
CA VAL B 170 8.67 -19.66 -5.38
C VAL B 170 9.32 -19.17 -6.66
N ALA B 171 10.05 -20.05 -7.33
CA ALA B 171 10.61 -19.80 -8.65
C ALA B 171 10.12 -20.89 -9.60
N TRP B 172 10.00 -20.53 -10.88
CA TRP B 172 9.58 -21.47 -11.90
C TRP B 172 10.67 -21.61 -12.96
N LYS B 173 10.78 -22.80 -13.52
CA LYS B 173 11.83 -23.11 -14.49
C LYS B 173 11.25 -23.76 -15.74
N ALA B 174 11.69 -23.29 -16.90
CA ALA B 174 11.41 -23.88 -18.21
C ALA B 174 12.66 -24.67 -18.63
N ASP B 175 12.68 -25.93 -18.22
CA ASP B 175 13.66 -26.99 -18.51
C ASP B 175 15.04 -26.78 -17.91
N SER B 176 15.47 -25.53 -17.74
CA SER B 176 16.45 -25.15 -16.72
C SER B 176 16.34 -23.65 -16.46
N SER B 177 15.51 -22.97 -17.25
CA SER B 177 15.67 -21.52 -17.31
C SER B 177 14.63 -20.81 -16.48
N PRO B 178 14.99 -19.80 -15.69
CA PRO B 178 13.96 -19.12 -14.88
C PRO B 178 12.90 -18.46 -15.75
N VAL B 179 11.64 -18.73 -15.43
CA VAL B 179 10.50 -18.07 -16.05
C VAL B 179 9.84 -17.18 -15.02
N LYS B 180 9.73 -15.88 -15.32
CA LYS B 180 9.10 -14.92 -14.44
C LYS B 180 7.80 -14.33 -14.99
N ALA B 181 7.36 -14.75 -16.17
CA ALA B 181 6.14 -14.21 -16.73
C ALA B 181 5.01 -15.21 -16.54
N GLY B 182 3.81 -14.68 -16.33
CA GLY B 182 2.66 -15.54 -16.14
C GLY B 182 2.64 -16.20 -14.78
N VAL B 183 3.43 -15.71 -13.84
CA VAL B 183 3.51 -16.28 -12.49
C VAL B 183 2.71 -15.42 -11.54
N GLU B 184 1.84 -16.06 -10.75
CA GLU B 184 1.06 -15.39 -9.71
C GLU B 184 1.08 -16.24 -8.47
N THR B 185 1.51 -15.65 -7.34
CA THR B 185 1.71 -16.39 -6.10
C THR B 185 0.94 -15.72 -4.96
N THR B 186 0.27 -16.54 -4.14
CA THR B 186 -0.43 -16.00 -2.99
C THR B 186 0.55 -15.67 -1.88
N THR B 187 0.11 -14.82 -0.96
CA THR B 187 0.78 -14.70 0.31
C THR B 187 0.51 -15.96 1.13
N PRO B 188 1.40 -16.32 2.06
CA PRO B 188 1.13 -17.48 2.91
C PRO B 188 -0.07 -17.26 3.79
N SER B 189 -0.87 -18.32 3.96
CA SER B 189 -2.07 -18.29 4.76
C SER B 189 -2.04 -19.45 5.76
N LYS B 190 -2.65 -19.23 6.91
CA LYS B 190 -2.62 -20.22 7.98
C LYS B 190 -3.57 -21.36 7.70
N GLN B 191 -3.13 -22.58 8.01
CA GLN B 191 -3.99 -23.75 7.94
C GLN B 191 -4.61 -23.97 9.31
N SER B 192 -5.48 -24.99 9.41
CA SER B 192 -6.14 -25.26 10.67
C SER B 192 -5.23 -25.98 11.66
N ASN B 193 -4.08 -26.49 11.20
CA ASN B 193 -3.09 -27.11 12.07
C ASN B 193 -1.99 -26.16 12.47
N ASN B 194 -2.22 -24.85 12.38
CA ASN B 194 -1.30 -23.78 12.72
C ASN B 194 -0.07 -23.74 11.82
N LYS B 195 -0.04 -24.56 10.77
CA LYS B 195 0.99 -24.45 9.75
C LYS B 195 0.47 -23.53 8.64
N TYR B 196 1.30 -23.28 7.64
CA TYR B 196 0.98 -22.31 6.61
C TYR B 196 0.92 -22.98 5.23
N ALA B 197 0.27 -22.29 4.30
CA ALA B 197 0.10 -22.80 2.94
C ALA B 197 0.08 -21.63 1.98
N ALA B 198 0.40 -21.93 0.72
CA ALA B 198 0.42 -20.95 -0.35
C ALA B 198 0.30 -21.69 -1.67
N SER B 199 0.09 -20.94 -2.74
CA SER B 199 -0.04 -21.52 -4.07
C SER B 199 0.55 -20.57 -5.09
N SER B 200 1.08 -21.14 -6.17
CA SER B 200 1.62 -20.37 -7.27
C SER B 200 1.10 -20.95 -8.58
N TYR B 201 0.85 -20.06 -9.55
CA TYR B 201 0.27 -20.43 -10.82
C TYR B 201 1.14 -19.88 -11.94
N LEU B 202 1.38 -20.71 -12.94
CA LEU B 202 2.11 -20.32 -14.14
C LEU B 202 1.18 -20.44 -15.35
N SER B 203 0.87 -19.32 -15.99
CA SER B 203 -0.01 -19.34 -17.15
C SER B 203 0.81 -19.54 -18.42
N LEU B 204 0.42 -20.54 -19.21
CA LEU B 204 1.10 -20.85 -20.46
C LEU B 204 0.07 -21.14 -21.54
N THR B 205 0.45 -20.82 -22.78
CA THR B 205 -0.29 -21.30 -23.94
C THR B 205 -0.03 -22.80 -24.10
N PRO B 206 -0.96 -23.53 -24.72
CA PRO B 206 -0.71 -24.96 -24.99
C PRO B 206 0.58 -25.21 -25.76
N GLU B 207 0.94 -24.32 -26.68
CA GLU B 207 2.16 -24.53 -27.47
C GLU B 207 3.41 -24.41 -26.60
N GLN B 208 3.45 -23.40 -25.72
CA GLN B 208 4.59 -23.25 -24.84
C GLN B 208 4.71 -24.43 -23.87
N TRP B 209 3.58 -24.99 -23.45
CA TRP B 209 3.61 -26.16 -22.58
C TRP B 209 4.10 -27.39 -23.33
N LYS B 210 3.65 -27.58 -24.58
CA LYS B 210 4.02 -28.77 -25.34
C LYS B 210 5.45 -28.71 -25.85
N SER B 211 5.98 -27.51 -26.08
CA SER B 211 7.26 -27.36 -26.76
C SER B 211 8.47 -27.58 -25.85
N HIS B 212 8.29 -27.53 -24.54
CA HIS B 212 9.40 -27.69 -23.60
C HIS B 212 9.43 -29.12 -23.05
N ARG B 213 10.62 -29.52 -22.59
CA ARG B 213 10.77 -30.88 -22.08
C ARG B 213 10.19 -31.04 -20.67
N SER B 214 10.17 -29.99 -19.87
CA SER B 214 9.64 -30.07 -18.51
C SER B 214 9.49 -28.66 -17.96
N TYR B 215 8.68 -28.55 -16.92
CA TYR B 215 8.55 -27.34 -16.12
C TYR B 215 8.74 -27.69 -14.65
N SER B 216 9.35 -26.75 -13.91
CA SER B 216 9.74 -27.00 -12.53
C SER B 216 9.20 -25.91 -11.62
N CYS B 217 8.59 -26.32 -10.51
CA CYS B 217 8.26 -25.44 -9.40
C CYS B 217 9.31 -25.65 -8.31
N GLN B 218 10.03 -24.58 -7.95
CA GLN B 218 11.08 -24.61 -6.94
C GLN B 218 10.63 -23.76 -5.76
N VAL B 219 10.42 -24.40 -4.61
CA VAL B 219 9.99 -23.74 -3.39
C VAL B 219 11.16 -23.67 -2.42
N THR B 220 11.44 -22.48 -1.92
CA THR B 220 12.50 -22.23 -0.95
C THR B 220 11.87 -21.85 0.38
N HIS B 221 12.32 -22.51 1.45
CA HIS B 221 11.82 -22.29 2.80
C HIS B 221 12.99 -22.28 3.75
N GLU B 222 13.22 -21.15 4.40
CA GLU B 222 14.31 -20.99 5.38
C GLU B 222 15.63 -21.52 4.83
N GLY B 223 15.93 -21.19 3.57
CA GLY B 223 17.19 -21.55 2.95
C GLY B 223 17.20 -22.90 2.25
N SER B 224 16.18 -23.73 2.41
CA SER B 224 16.14 -25.05 1.80
C SER B 224 15.25 -25.01 0.56
N THR B 225 15.80 -25.46 -0.57
CA THR B 225 15.11 -25.38 -1.86
C THR B 225 14.76 -26.80 -2.32
N VAL B 226 13.47 -27.07 -2.42
CA VAL B 226 12.98 -28.31 -2.99
C VAL B 226 12.26 -27.97 -4.29
N GLU B 227 12.02 -28.99 -5.11
CA GLU B 227 11.42 -28.72 -6.41
C GLU B 227 10.62 -29.92 -6.87
N LYS B 228 9.58 -29.64 -7.65
CA LYS B 228 8.83 -30.66 -8.36
C LYS B 228 8.82 -30.33 -9.84
N THR B 229 8.63 -31.36 -10.67
CA THR B 229 8.77 -31.24 -12.11
C THR B 229 7.66 -32.01 -12.80
N VAL B 230 7.09 -31.40 -13.84
CA VAL B 230 6.10 -32.05 -14.68
C VAL B 230 6.55 -31.95 -16.12
N ALA B 231 6.10 -32.89 -16.95
CA ALA B 231 6.53 -32.93 -18.33
C ALA B 231 5.31 -33.14 -19.25
N PRO B 232 5.41 -32.68 -20.50
CA PRO B 232 4.31 -32.93 -21.46
C PRO B 232 4.13 -34.40 -21.77
N THR B 233 5.02 -35.27 -21.32
CA THR B 233 4.90 -36.70 -21.55
C THR B 233 3.73 -37.30 -20.77
N GLN C 20 13.78 -11.04 -0.51
CA GLN C 20 13.53 -9.61 -0.44
C GLN C 20 14.76 -8.80 -0.83
N VAL C 21 14.82 -8.39 -2.10
CA VAL C 21 15.93 -7.57 -2.59
C VAL C 21 15.81 -6.18 -2.00
N GLN C 22 16.92 -5.68 -1.43
CA GLN C 22 16.96 -4.33 -0.91
C GLN C 22 18.21 -3.62 -1.41
N LEU C 23 18.02 -2.44 -2.00
CA LEU C 23 19.10 -1.55 -2.43
C LEU C 23 19.07 -0.32 -1.53
N VAL C 24 20.08 -0.14 -0.70
CA VAL C 24 20.14 0.98 0.23
C VAL C 24 21.34 1.85 -0.13
N GLN C 25 21.12 3.15 -0.25
CA GLN C 25 22.15 4.05 -0.76
C GLN C 25 22.69 4.95 0.34
N SER C 26 23.82 5.59 0.03
CA SER C 26 24.36 6.64 0.87
C SER C 26 23.44 7.87 0.84
N GLY C 27 23.72 8.80 1.76
CA GLY C 27 22.89 9.99 1.92
C GLY C 27 23.22 11.11 0.94
N ALA C 28 22.47 12.20 1.09
CA ALA C 28 22.66 13.40 0.28
C ALA C 28 23.99 14.07 0.59
N GLU C 29 24.45 14.90 -0.36
CA GLU C 29 25.76 15.52 -0.22
C GLU C 29 25.81 16.82 -1.01
N VAL C 30 26.55 17.79 -0.48
CA VAL C 30 26.86 19.04 -1.16
C VAL C 30 28.34 19.00 -1.57
N LYS C 31 28.62 19.42 -2.80
CA LYS C 31 29.96 19.38 -3.35
C LYS C 31 30.26 20.66 -4.09
N LYS C 32 31.50 21.15 -3.97
CA LYS C 32 31.93 22.32 -4.69
C LYS C 32 32.24 21.96 -6.15
N PRO C 33 32.09 22.92 -7.06
CA PRO C 33 32.45 22.64 -8.46
C PRO C 33 33.93 22.25 -8.58
N GLY C 34 34.19 21.26 -9.43
CA GLY C 34 35.53 20.73 -9.61
C GLY C 34 35.90 19.59 -8.68
N SER C 35 35.13 19.38 -7.62
CA SER C 35 35.35 18.23 -6.73
C SER C 35 34.86 16.94 -7.39
N SER C 36 35.01 15.83 -6.68
CA SER C 36 34.48 14.54 -7.10
C SER C 36 33.60 13.98 -6.00
N VAL C 37 32.54 13.29 -6.40
CA VAL C 37 31.56 12.74 -5.47
C VAL C 37 31.50 11.23 -5.64
N LYS C 38 31.24 10.52 -4.54
CA LYS C 38 31.13 9.06 -4.55
C LYS C 38 29.86 8.66 -3.82
N VAL C 39 29.04 7.85 -4.47
CA VAL C 39 27.77 7.40 -3.91
C VAL C 39 27.78 5.88 -3.87
N SER C 40 27.23 5.32 -2.79
CA SER C 40 27.25 3.88 -2.55
C SER C 40 25.86 3.25 -2.67
N CYS C 41 25.85 1.94 -2.90
CA CYS C 41 24.64 1.14 -3.05
C CYS C 41 24.91 -0.24 -2.46
N LYS C 42 24.38 -0.49 -1.27
CA LYS C 42 24.52 -1.80 -0.63
C LYS C 42 23.31 -2.67 -0.96
N THR C 43 23.59 -3.89 -1.42
CA THR C 43 22.58 -4.88 -1.76
C THR C 43 22.42 -5.87 -0.62
N SER C 44 21.18 -6.09 -0.20
CA SER C 44 20.85 -7.03 0.86
C SER C 44 19.72 -7.96 0.43
N GLY C 45 19.68 -9.12 1.08
CA GLY C 45 18.71 -10.14 0.79
C GLY C 45 19.19 -11.32 -0.02
N GLY C 46 20.45 -11.71 0.11
CA GLY C 46 21.04 -12.74 -0.73
C GLY C 46 21.39 -12.24 -2.12
N THR C 47 20.74 -12.81 -3.13
CA THR C 47 20.72 -12.26 -4.49
C THR C 47 22.14 -12.10 -5.04
N TYR C 48 22.77 -13.25 -5.28
CA TYR C 48 24.10 -13.30 -5.86
C TYR C 48 24.14 -14.19 -7.08
N GLY C 49 24.85 -13.73 -8.10
CA GLY C 49 24.90 -14.31 -9.43
C GLY C 49 25.44 -13.27 -10.39
N THR C 50 25.00 -13.36 -11.65
CA THR C 50 25.42 -12.39 -12.66
C THR C 50 24.48 -11.18 -12.64
N TYR C 51 24.29 -10.61 -11.45
CA TYR C 51 23.50 -9.40 -11.33
C TYR C 51 24.36 -8.19 -11.65
N SER C 52 23.70 -7.12 -12.09
CA SER C 52 24.36 -5.87 -12.42
C SER C 52 23.74 -4.74 -11.61
N ILE C 53 24.59 -3.78 -11.23
CA ILE C 53 24.16 -2.54 -10.59
C ILE C 53 24.36 -1.42 -11.59
N ASN C 54 23.27 -0.69 -11.88
CA ASN C 54 23.26 0.41 -12.83
C ASN C 54 23.04 1.72 -12.07
N TRP C 55 23.66 2.78 -12.56
CA TRP C 55 23.53 4.10 -11.97
C TRP C 55 22.76 5.00 -12.92
N VAL C 56 21.67 5.58 -12.43
CA VAL C 56 20.80 6.45 -13.23
C VAL C 56 20.60 7.74 -12.47
N ARG C 57 20.82 8.87 -13.13
CA ARG C 57 20.69 10.15 -12.47
C ARG C 57 19.51 10.93 -13.04
N GLN C 58 19.05 11.91 -12.26
CA GLN C 58 17.87 12.70 -12.61
C GLN C 58 18.08 14.11 -12.07
N ALA C 59 18.36 15.05 -12.96
CA ALA C 59 18.47 16.45 -12.57
C ALA C 59 17.10 16.97 -12.12
N PRO C 60 17.08 18.00 -11.26
CA PRO C 60 15.79 18.51 -10.75
C PRO C 60 14.85 18.90 -11.87
N GLY C 61 13.65 18.31 -11.86
CA GLY C 61 12.66 18.55 -12.89
C GLY C 61 12.97 17.95 -14.24
N GLN C 62 13.98 17.08 -14.33
CA GLN C 62 14.41 16.49 -15.58
C GLN C 62 14.11 15.00 -15.60
N GLY C 63 14.55 14.33 -16.68
CA GLY C 63 14.30 12.92 -16.85
C GLY C 63 15.42 12.03 -16.35
N LEU C 64 15.14 10.73 -16.33
CA LEU C 64 16.14 9.74 -15.93
C LEU C 64 17.22 9.59 -16.99
N GLU C 65 18.46 9.41 -16.54
CA GLU C 65 19.61 9.33 -17.44
C GLU C 65 20.51 8.18 -17.00
N TRP C 66 20.64 7.18 -17.87
CA TRP C 66 21.51 6.04 -17.58
C TRP C 66 22.97 6.48 -17.64
N MET C 67 23.72 6.19 -16.57
CA MET C 67 25.12 6.58 -16.49
C MET C 67 26.08 5.43 -16.80
N GLY C 68 25.82 4.26 -16.23
CA GLY C 68 26.70 3.13 -16.42
C GLY C 68 26.24 1.98 -15.57
N ALA C 69 27.03 0.89 -15.63
CA ALA C 69 26.66 -0.34 -14.97
C ALA C 69 27.90 -1.17 -14.68
N ILE C 70 27.79 -2.02 -13.68
CA ILE C 70 28.84 -2.96 -13.29
C ILE C 70 28.22 -4.33 -13.05
N ILE C 71 28.89 -5.37 -13.53
CA ILE C 71 28.67 -6.76 -13.14
C ILE C 71 29.81 -7.13 -12.20
N PRO C 72 29.54 -7.18 -10.88
CA PRO C 72 30.64 -7.36 -9.92
C PRO C 72 31.28 -8.73 -9.95
N ILE C 73 30.53 -9.79 -10.23
CA ILE C 73 31.13 -11.13 -10.21
C ILE C 73 32.14 -11.28 -11.33
N PHE C 74 31.94 -10.58 -12.44
CA PHE C 74 32.88 -10.61 -13.56
C PHE C 74 33.78 -9.39 -13.59
N GLY C 75 33.52 -8.40 -12.75
CA GLY C 75 34.27 -7.16 -12.81
C GLY C 75 34.11 -6.41 -14.11
N LYS C 76 32.94 -6.49 -14.74
CA LYS C 76 32.75 -5.84 -16.03
C LYS C 76 32.00 -4.52 -15.84
N THR C 77 32.44 -3.47 -16.53
CA THR C 77 31.81 -2.16 -16.41
C THR C 77 31.53 -1.59 -17.79
N ASN C 78 30.49 -0.76 -17.86
CA ASN C 78 30.16 -0.04 -19.09
C ASN C 78 29.57 1.30 -18.73
N TYR C 79 29.71 2.27 -19.62
CA TYR C 79 29.29 3.63 -19.36
C TYR C 79 28.68 4.24 -20.62
N ALA C 80 27.75 5.17 -20.42
CA ALA C 80 27.25 5.97 -21.52
C ALA C 80 28.33 6.95 -21.97
N GLN C 81 28.30 7.27 -23.27
CA GLN C 81 29.36 8.09 -23.86
C GLN C 81 29.41 9.47 -23.22
N LYS C 82 28.27 9.98 -22.74
CA LYS C 82 28.23 11.30 -22.11
C LYS C 82 29.09 11.35 -20.85
N PHE C 83 29.29 10.20 -20.19
CA PHE C 83 29.98 10.14 -18.92
C PHE C 83 31.32 9.42 -19.00
N GLN C 84 31.67 8.85 -20.15
CA GLN C 84 32.94 8.15 -20.30
C GLN C 84 34.10 9.07 -20.01
N GLY C 85 35.04 8.60 -19.20
CA GLY C 85 36.19 9.38 -18.80
C GLY C 85 36.00 10.17 -17.52
N ARG C 86 34.75 10.44 -17.13
CA ARG C 86 34.45 11.19 -15.91
C ARG C 86 33.85 10.33 -14.81
N VAL C 87 33.15 9.25 -15.15
CA VAL C 87 32.50 8.38 -14.18
C VAL C 87 33.27 7.07 -14.10
N THR C 88 33.40 6.54 -12.89
CA THR C 88 33.99 5.23 -12.68
C THR C 88 33.18 4.48 -11.64
N ILE C 89 32.83 3.23 -11.94
CA ILE C 89 32.02 2.39 -11.07
C ILE C 89 32.87 1.26 -10.54
N THR C 90 32.81 1.03 -9.23
CA THR C 90 33.57 -0.02 -8.58
C THR C 90 32.65 -0.80 -7.64
N ALA C 91 33.17 -1.89 -7.09
CA ALA C 91 32.36 -2.71 -6.19
C ALA C 91 33.26 -3.44 -5.21
N ASP C 92 32.67 -3.78 -4.06
CA ASP C 92 33.30 -4.58 -3.02
C ASP C 92 32.37 -5.75 -2.72
N ALA C 93 32.78 -6.96 -3.15
CA ALA C 93 31.98 -8.16 -2.88
C ALA C 93 31.97 -8.50 -1.40
N SER C 94 33.03 -8.14 -0.66
CA SER C 94 33.09 -8.50 0.76
C SER C 94 31.98 -7.85 1.57
N THR C 95 31.51 -6.68 1.14
CA THR C 95 30.36 -6.04 1.75
C THR C 95 29.20 -5.87 0.77
N SER C 96 29.30 -6.47 -0.42
CA SER C 96 28.28 -6.37 -1.48
C SER C 96 27.82 -4.94 -1.68
N THR C 97 28.78 -4.03 -1.82
CA THR C 97 28.49 -2.62 -2.02
C THR C 97 29.06 -2.16 -3.35
N ALA C 98 28.30 -1.34 -4.07
CA ALA C 98 28.76 -0.75 -5.31
C ALA C 98 28.94 0.75 -5.11
N TYR C 99 29.86 1.33 -5.88
CA TYR C 99 30.17 2.74 -5.76
C TYR C 99 30.21 3.37 -7.15
N MET C 100 29.75 4.61 -7.24
CA MET C 100 29.84 5.42 -8.45
C MET C 100 30.57 6.69 -8.07
N GLU C 101 31.68 6.97 -8.75
CA GLU C 101 32.46 8.18 -8.52
C GLU C 101 32.42 9.05 -9.78
N LEU C 102 32.02 10.30 -9.60
CA LEU C 102 31.92 11.28 -10.68
C LEU C 102 32.78 12.48 -10.35
N GLY C 103 33.75 12.78 -11.23
CA GLY C 103 34.73 13.81 -10.99
C GLY C 103 34.47 15.06 -11.84
N SER C 104 35.29 16.08 -11.56
CA SER C 104 35.17 17.40 -12.18
C SER C 104 33.72 17.88 -12.21
N LEU C 105 33.14 17.95 -11.02
CA LEU C 105 31.74 18.29 -10.88
C LEU C 105 31.46 19.73 -11.30
N THR C 106 30.32 19.92 -11.96
CA THR C 106 29.75 21.24 -12.23
C THR C 106 28.31 21.23 -11.77
N SER C 107 27.65 22.39 -11.86
CA SER C 107 26.26 22.45 -11.43
C SER C 107 25.34 21.70 -12.38
N GLU C 108 25.84 21.30 -13.55
CA GLU C 108 25.11 20.38 -14.42
C GLU C 108 25.00 18.99 -13.81
N ASP C 109 25.82 18.67 -12.80
CA ASP C 109 25.81 17.36 -12.16
C ASP C 109 24.91 17.29 -10.94
N THR C 110 24.36 18.42 -10.49
CA THR C 110 23.39 18.39 -9.39
C THR C 110 22.19 17.55 -9.79
N ALA C 111 21.97 16.46 -9.06
CA ALA C 111 20.93 15.51 -9.46
C ALA C 111 20.70 14.50 -8.34
N MET C 112 19.59 13.78 -8.47
CA MET C 112 19.35 12.58 -7.67
C MET C 112 19.98 11.38 -8.37
N TYR C 113 20.78 10.62 -7.64
CA TYR C 113 21.51 9.48 -8.18
C TYR C 113 20.94 8.19 -7.59
N TYR C 114 20.28 7.39 -8.43
CA TYR C 114 19.71 6.11 -8.07
C TYR C 114 20.62 4.98 -8.53
N CYS C 115 20.78 3.97 -7.69
CA CYS C 115 21.19 2.65 -8.14
C CYS C 115 19.96 1.79 -8.43
N ALA C 116 20.00 1.07 -9.55
CA ALA C 116 18.99 0.07 -9.90
C ALA C 116 19.69 -1.25 -10.19
N ARG C 117 18.93 -2.34 -10.08
CA ARG C 117 19.49 -3.68 -10.22
C ARG C 117 18.91 -4.41 -11.43
N VAL C 118 19.77 -5.17 -12.11
CA VAL C 118 19.37 -6.21 -13.04
C VAL C 118 19.72 -7.55 -12.40
N GLU C 119 18.73 -8.42 -12.20
CA GLU C 119 18.97 -9.62 -11.42
C GLU C 119 19.89 -10.59 -12.16
N ASP C 120 19.62 -10.82 -13.45
CA ASP C 120 20.44 -11.70 -14.27
C ASP C 120 20.76 -10.95 -15.57
N THR C 121 22.04 -10.63 -15.76
CA THR C 121 22.43 -9.86 -16.93
C THR C 121 22.29 -10.68 -18.21
N ALA C 122 22.37 -12.01 -18.11
CA ALA C 122 22.19 -12.85 -19.28
C ALA C 122 20.73 -12.97 -19.67
N LEU C 123 19.82 -12.89 -18.71
CA LEU C 123 18.39 -13.12 -18.95
C LEU C 123 17.54 -11.85 -18.87
N ASP C 124 17.82 -10.95 -17.92
CA ASP C 124 17.00 -9.78 -17.71
C ASP C 124 17.62 -8.57 -18.39
N HIS C 125 16.76 -7.72 -18.94
CA HIS C 125 17.17 -6.50 -19.62
C HIS C 125 16.34 -5.32 -19.15
N TYR C 126 16.08 -5.28 -17.85
CA TYR C 126 15.24 -4.24 -17.24
C TYR C 126 15.64 -4.12 -15.78
N PHE C 127 15.21 -3.02 -15.16
CA PHE C 127 15.55 -2.72 -13.78
C PHE C 127 14.34 -3.02 -12.88
N ASP C 128 14.46 -4.04 -12.05
CA ASP C 128 13.34 -4.45 -11.20
C ASP C 128 13.37 -3.77 -9.83
N TYR C 129 14.55 -3.54 -9.27
CA TYR C 129 14.68 -2.91 -7.96
C TYR C 129 15.51 -1.64 -8.07
N TRP C 130 15.10 -0.62 -7.32
CA TRP C 130 15.76 0.69 -7.32
C TRP C 130 16.13 1.08 -5.91
N GLY C 131 17.27 1.77 -5.78
CA GLY C 131 17.60 2.41 -4.53
C GLY C 131 16.73 3.63 -4.29
N GLN C 132 16.82 4.16 -3.08
CA GLN C 132 16.02 5.33 -2.72
C GLN C 132 16.55 6.62 -3.34
N GLY C 133 17.76 6.61 -3.90
CA GLY C 133 18.31 7.82 -4.50
C GLY C 133 19.06 8.68 -3.52
N ALA C 134 20.17 9.28 -3.97
CA ALA C 134 20.96 10.19 -3.15
C ALA C 134 21.07 11.53 -3.87
N LEU C 135 20.70 12.61 -3.20
CA LEU C 135 20.68 13.93 -3.83
C LEU C 135 22.05 14.58 -3.67
N VAL C 136 22.69 14.89 -4.80
CA VAL C 136 24.00 15.50 -4.82
C VAL C 136 23.85 16.89 -5.42
N THR C 137 24.12 17.92 -4.61
CA THR C 137 24.03 19.31 -5.05
C THR C 137 25.43 19.88 -5.26
N VAL C 138 25.72 20.31 -6.48
CA VAL C 138 26.99 20.95 -6.81
C VAL C 138 26.78 22.46 -6.75
N SER C 139 27.43 23.12 -5.80
CA SER C 139 27.27 24.56 -5.64
C SER C 139 28.51 25.15 -4.99
N SER C 140 28.77 26.41 -5.31
CA SER C 140 29.83 27.17 -4.65
C SER C 140 29.37 27.88 -3.40
N ALA C 141 28.06 28.00 -3.20
CA ALA C 141 27.52 28.62 -2.00
C ALA C 141 27.84 27.77 -0.79
N SER C 142 27.81 28.40 0.39
CA SER C 142 28.19 27.67 1.59
C SER C 142 26.99 26.93 2.13
N THR C 143 27.27 25.81 2.80
CA THR C 143 26.22 25.02 3.42
C THR C 143 25.74 25.70 4.70
N LYS C 144 24.43 25.67 4.93
CA LYS C 144 23.85 26.27 6.11
C LYS C 144 22.76 25.37 6.66
N GLY C 145 22.85 25.05 7.95
CA GLY C 145 21.82 24.28 8.62
C GLY C 145 20.62 25.14 8.94
N PRO C 146 19.48 24.52 9.16
CA PRO C 146 18.24 25.28 9.36
C PRO C 146 18.06 25.77 10.79
N SER C 147 17.31 26.87 10.91
CA SER C 147 16.78 27.33 12.19
C SER C 147 15.32 26.92 12.26
N VAL C 148 14.91 26.35 13.39
CA VAL C 148 13.57 25.79 13.52
C VAL C 148 12.79 26.60 14.54
N PHE C 149 11.55 26.95 14.19
CA PHE C 149 10.68 27.71 15.06
C PHE C 149 9.36 26.97 15.23
N PRO C 150 8.74 27.07 16.41
CA PRO C 150 7.45 26.40 16.61
C PRO C 150 6.30 27.21 16.04
N LEU C 151 5.31 26.49 15.51
CA LEU C 151 4.05 27.07 15.07
C LEU C 151 2.99 26.55 16.04
N ALA C 152 2.67 27.37 17.04
CA ALA C 152 1.79 26.95 18.11
C ALA C 152 0.36 26.83 17.61
N PRO C 153 -0.41 25.86 18.13
CA PRO C 153 -1.82 25.67 17.75
C PRO C 153 -2.68 26.87 18.13
N GLY C 161 -13.08 19.12 17.59
CA GLY C 161 -11.98 19.34 18.49
C GLY C 161 -10.64 18.99 17.87
N THR C 162 -10.26 19.75 16.84
CA THR C 162 -9.02 19.55 16.10
C THR C 162 -8.12 20.76 16.27
N ALA C 163 -6.82 20.55 16.18
CA ALA C 163 -5.87 21.65 16.33
C ALA C 163 -4.61 21.31 15.56
N ALA C 164 -4.18 22.23 14.71
CA ALA C 164 -3.02 22.00 13.85
C ALA C 164 -1.85 22.80 14.41
N LEU C 165 -0.76 22.10 14.70
CA LEU C 165 0.48 22.73 15.14
C LEU C 165 1.59 22.33 14.19
N GLY C 166 2.76 22.94 14.33
CA GLY C 166 3.78 22.59 13.38
C GLY C 166 5.14 23.19 13.70
N CYS C 167 6.02 23.07 12.71
CA CYS C 167 7.40 23.53 12.80
C CYS C 167 7.79 24.19 11.50
N LEU C 168 8.44 25.36 11.61
CA LEU C 168 8.96 26.09 10.47
C LEU C 168 10.47 25.89 10.43
N VAL C 169 10.95 25.26 9.35
CA VAL C 169 12.35 24.96 9.13
C VAL C 169 12.88 25.97 8.13
N LYS C 170 13.71 26.90 8.61
CA LYS C 170 14.00 28.13 7.87
C LYS C 170 15.48 28.23 7.52
N ASP C 171 15.75 28.79 6.34
CA ASP C 171 17.07 29.27 5.95
C ASP C 171 18.13 28.17 6.03
N TYR C 172 17.95 27.16 5.19
CA TYR C 172 18.92 26.09 5.05
C TYR C 172 19.31 25.93 3.58
N PHE C 173 20.48 25.32 3.37
CA PHE C 173 20.97 25.06 2.03
C PHE C 173 22.01 23.95 2.12
N PRO C 174 22.00 22.97 1.21
CA PRO C 174 20.98 22.78 0.16
C PRO C 174 19.88 21.81 0.60
N GLU C 175 19.10 21.35 -0.36
CA GLU C 175 18.16 20.27 -0.10
C GLU C 175 18.93 18.96 0.10
N PRO C 176 18.33 17.98 0.79
CA PRO C 176 17.01 18.03 1.40
C PRO C 176 17.01 18.09 2.93
N VAL C 177 15.82 18.25 3.48
CA VAL C 177 15.60 18.19 4.91
C VAL C 177 14.53 17.13 5.16
N THR C 178 14.67 16.39 6.26
CA THR C 178 13.65 15.44 6.67
C THR C 178 13.10 15.84 8.03
N VAL C 179 11.81 15.56 8.26
CA VAL C 179 11.13 15.97 9.47
C VAL C 179 10.32 14.79 10.02
N SER C 180 10.51 14.49 11.30
CA SER C 180 9.72 13.52 12.04
C SER C 180 9.08 14.22 13.22
N TRP C 181 8.09 13.56 13.82
CA TRP C 181 7.43 14.06 15.01
C TRP C 181 7.51 13.02 16.11
N ASN C 182 7.89 13.45 17.32
CA ASN C 182 8.06 12.57 18.47
C ASN C 182 8.96 11.38 18.14
N SER C 183 10.08 11.69 17.46
CA SER C 183 11.11 10.70 17.13
C SER C 183 10.56 9.56 16.26
N GLY C 184 9.49 9.83 15.52
CA GLY C 184 8.88 8.84 14.66
C GLY C 184 7.65 8.18 15.24
N ALA C 185 7.32 8.47 16.50
CA ALA C 185 6.13 7.85 17.11
C ALA C 185 4.84 8.46 16.57
N LEU C 186 4.90 9.73 16.15
CA LEU C 186 3.73 10.42 15.61
C LEU C 186 3.85 10.47 14.10
N THR C 187 2.99 9.73 13.43
CA THR C 187 3.03 9.54 11.99
C THR C 187 1.75 9.99 11.30
N SER C 188 0.60 9.92 11.97
CA SER C 188 -0.67 10.23 11.34
C SER C 188 -1.09 11.66 11.61
N GLY C 189 -1.88 12.21 10.69
CA GLY C 189 -2.16 13.63 10.67
C GLY C 189 -0.98 14.52 10.35
N VAL C 190 0.16 13.95 9.94
CA VAL C 190 1.35 14.74 9.65
C VAL C 190 1.39 15.09 8.17
N HIS C 191 1.78 16.32 7.88
CA HIS C 191 1.83 16.85 6.52
C HIS C 191 3.05 17.74 6.44
N THR C 192 4.08 17.28 5.74
CA THR C 192 5.30 18.03 5.55
C THR C 192 5.32 18.59 4.13
N PHE C 193 5.31 19.91 4.01
CA PHE C 193 5.18 20.55 2.72
C PHE C 193 6.53 20.64 2.01
N PRO C 194 6.53 20.54 0.68
CA PRO C 194 7.77 20.80 -0.07
C PRO C 194 8.30 22.19 0.21
N ALA C 195 9.62 22.32 0.14
CA ALA C 195 10.27 23.56 0.51
C ALA C 195 10.09 24.62 -0.56
N VAL C 196 10.09 25.88 -0.12
CA VAL C 196 10.15 27.02 -1.02
C VAL C 196 11.60 27.46 -1.13
N LEU C 197 11.97 27.96 -2.30
CA LEU C 197 13.28 28.56 -2.54
C LEU C 197 13.13 30.06 -2.39
N GLN C 198 13.70 30.61 -1.34
CA GLN C 198 13.52 32.02 -1.00
C GLN C 198 14.38 32.92 -1.88
N SER C 199 14.14 34.23 -1.77
CA SER C 199 14.91 35.21 -2.53
C SER C 199 16.38 35.19 -2.16
N SER C 200 16.73 34.71 -0.97
CA SER C 200 18.12 34.65 -0.53
C SER C 200 18.86 33.44 -1.09
N GLY C 201 18.18 32.59 -1.86
CA GLY C 201 18.76 31.33 -2.31
C GLY C 201 18.75 30.23 -1.29
N LEU C 202 18.15 30.46 -0.13
CA LEU C 202 18.02 29.46 0.94
C LEU C 202 16.62 28.87 0.92
N TYR C 203 16.51 27.67 1.49
CA TYR C 203 15.25 26.94 1.48
C TYR C 203 14.55 27.07 2.83
N SER C 204 13.23 26.86 2.79
CA SER C 204 12.39 26.89 3.97
C SER C 204 11.21 25.97 3.73
N LEU C 205 10.83 25.21 4.75
CA LEU C 205 9.64 24.38 4.65
C LEU C 205 8.89 24.44 5.98
N SER C 206 7.72 23.82 5.99
CA SER C 206 6.93 23.72 7.19
C SER C 206 6.39 22.30 7.28
N SER C 207 6.17 21.83 8.51
CA SER C 207 5.51 20.55 8.69
C SER C 207 4.51 20.70 9.81
N VAL C 208 3.28 20.26 9.57
CA VAL C 208 2.18 20.50 10.49
C VAL C 208 1.50 19.17 10.76
N VAL C 209 1.11 18.97 12.00
CA VAL C 209 0.32 17.80 12.38
C VAL C 209 -1.00 18.29 12.97
N THR C 210 -2.06 17.57 12.65
CA THR C 210 -3.40 17.85 13.10
C THR C 210 -3.75 16.84 14.19
N VAL C 211 -3.95 17.33 15.42
CA VAL C 211 -4.16 16.46 16.57
C VAL C 211 -5.46 16.85 17.26
N PRO C 212 -5.99 16.03 18.17
CA PRO C 212 -7.14 16.49 18.99
C PRO C 212 -6.70 17.61 19.92
N SER C 213 -7.61 18.57 20.12
CA SER C 213 -7.26 19.72 20.96
C SER C 213 -7.19 19.34 22.44
N SER C 214 -7.93 18.32 22.85
CA SER C 214 -7.79 17.79 24.21
C SER C 214 -6.36 17.32 24.46
N SER C 215 -5.76 16.66 23.47
CA SER C 215 -4.40 16.14 23.61
C SER C 215 -3.42 17.23 24.05
N LEU C 216 -3.68 18.48 23.67
CA LEU C 216 -2.67 19.54 23.77
C LEU C 216 -2.29 19.84 25.22
N GLY C 217 -3.14 19.51 26.19
CA GLY C 217 -2.73 19.64 27.58
C GLY C 217 -1.83 18.50 28.04
N THR C 218 -2.12 17.28 27.61
CA THR C 218 -1.36 16.10 28.02
C THR C 218 -0.11 15.90 27.17
N GLN C 219 -0.29 15.66 25.87
CA GLN C 219 0.76 15.13 25.02
C GLN C 219 1.79 16.20 24.69
N THR C 220 3.06 15.78 24.67
CA THR C 220 4.18 16.65 24.29
C THR C 220 4.49 16.44 22.81
N TYR C 221 4.64 17.53 22.07
CA TYR C 221 4.83 17.49 20.63
C TYR C 221 6.19 18.10 20.29
N ILE C 222 7.08 17.26 19.73
CA ILE C 222 8.42 17.68 19.33
C ILE C 222 8.60 17.32 17.87
N CYS C 223 9.15 18.26 17.09
CA CYS C 223 9.57 17.96 15.74
C CYS C 223 11.08 17.77 15.71
N ASN C 224 11.51 16.81 14.90
CA ASN C 224 12.92 16.44 14.76
C ASN C 224 13.30 16.64 13.30
N VAL C 225 14.18 17.59 13.07
CA VAL C 225 14.61 17.97 11.73
C VAL C 225 16.03 17.45 11.52
N ASN C 226 16.25 16.84 10.36
CA ASN C 226 17.57 16.33 9.98
C ASN C 226 17.98 16.97 8.68
N HIS C 227 19.15 17.62 8.68
CA HIS C 227 19.78 18.22 7.51
C HIS C 227 21.15 17.57 7.37
N LYS C 228 21.20 16.48 6.59
CA LYS C 228 22.46 15.77 6.41
C LYS C 228 23.55 16.58 5.71
N PRO C 229 23.27 17.40 4.68
CA PRO C 229 24.36 18.16 4.05
C PRO C 229 25.17 19.01 5.02
N SER C 230 24.55 19.52 6.08
CA SER C 230 25.25 20.26 7.13
C SER C 230 25.53 19.41 8.36
N ASN C 231 25.11 18.14 8.36
CA ASN C 231 25.25 17.26 9.51
C ASN C 231 24.60 17.88 10.76
N THR C 232 23.41 18.45 10.58
CA THR C 232 22.71 19.14 11.66
C THR C 232 21.41 18.42 12.00
N LYS C 233 21.10 18.36 13.29
CA LYS C 233 19.84 17.84 13.78
C LYS C 233 19.27 18.83 14.78
N VAL C 234 17.98 19.14 14.64
CA VAL C 234 17.32 20.12 15.48
C VAL C 234 16.05 19.51 16.05
N ASP C 235 15.91 19.54 17.37
CA ASP C 235 14.68 19.17 18.04
C ASP C 235 13.99 20.44 18.54
N LYS C 236 12.67 20.52 18.35
CA LYS C 236 11.92 21.70 18.76
C LYS C 236 10.59 21.28 19.35
N ARG C 237 10.34 21.70 20.58
CA ARG C 237 9.10 21.38 21.28
C ARG C 237 8.06 22.45 20.98
N VAL C 238 6.85 22.01 20.63
CA VAL C 238 5.77 22.90 20.22
C VAL C 238 4.77 22.98 21.36
N GLU C 239 4.73 24.12 22.04
CA GLU C 239 3.84 24.34 23.16
C GLU C 239 2.71 25.30 22.77
N PRO C 240 1.58 25.26 23.49
CA PRO C 240 0.49 26.21 23.24
C PRO C 240 0.85 27.64 23.65
N GLN D 21 22.81 7.17 -27.90
CA GLN D 21 23.68 8.34 -28.00
C GLN D 21 22.88 9.47 -27.47
N SER D 22 21.68 9.67 -28.01
CA SER D 22 20.68 10.59 -27.47
C SER D 22 19.52 9.82 -26.85
N ALA D 23 18.71 10.54 -26.06
CA ALA D 23 17.55 9.94 -25.39
C ALA D 23 16.44 9.60 -26.37
N LEU D 24 15.63 8.59 -26.03
CA LEU D 24 14.46 8.27 -26.84
C LEU D 24 13.39 9.35 -26.68
N THR D 25 12.55 9.51 -27.71
CA THR D 25 11.63 10.64 -27.79
C THR D 25 10.26 10.23 -27.26
N GLN D 26 9.76 10.95 -26.25
CA GLN D 26 8.45 10.78 -25.68
C GLN D 26 7.67 12.09 -25.75
N PRO D 27 6.33 12.04 -25.81
CA PRO D 27 5.56 13.27 -25.69
C PRO D 27 5.76 13.89 -24.32
N ARG D 28 5.68 15.22 -24.27
CA ARG D 28 5.90 15.90 -23.00
C ARG D 28 4.76 15.66 -22.02
N SER D 29 3.55 15.50 -22.51
CA SER D 29 2.40 15.34 -21.61
C SER D 29 1.25 14.67 -22.34
N VAL D 30 0.51 13.83 -21.61
CA VAL D 30 -0.78 13.31 -22.04
C VAL D 30 -1.74 13.43 -20.87
N SER D 31 -3.04 13.55 -21.18
CA SER D 31 -4.04 13.76 -20.16
C SER D 31 -5.32 13.01 -20.53
N GLY D 32 -6.11 12.68 -19.51
CA GLY D 32 -7.38 12.04 -19.71
C GLY D 32 -8.18 12.03 -18.42
N SER D 33 -9.49 11.85 -18.57
CA SER D 33 -10.42 11.82 -17.45
C SER D 33 -10.50 10.41 -16.89
N PRO D 34 -11.06 10.26 -15.68
CA PRO D 34 -11.15 8.92 -15.08
C PRO D 34 -11.97 7.97 -15.95
N GLY D 35 -11.44 6.76 -16.14
CA GLY D 35 -12.07 5.77 -16.98
C GLY D 35 -11.67 5.82 -18.43
N GLN D 36 -10.95 6.86 -18.85
CA GLN D 36 -10.54 6.98 -20.24
C GLN D 36 -9.26 6.20 -20.48
N SER D 37 -8.77 6.24 -21.73
CA SER D 37 -7.55 5.57 -22.12
C SER D 37 -6.65 6.56 -22.85
N VAL D 38 -5.34 6.46 -22.60
CA VAL D 38 -4.34 7.27 -23.30
C VAL D 38 -3.18 6.38 -23.67
N THR D 39 -2.30 6.92 -24.52
CA THR D 39 -1.14 6.18 -25.01
C THR D 39 0.07 7.10 -25.09
N ILE D 40 1.23 6.56 -24.78
CA ILE D 40 2.48 7.30 -24.69
C ILE D 40 3.49 6.63 -25.61
N SER D 41 3.97 7.35 -26.61
CA SER D 41 4.91 6.82 -27.57
C SER D 41 6.35 7.03 -27.10
N CYS D 42 7.26 6.26 -27.69
CA CYS D 42 8.67 6.23 -27.30
C CYS D 42 9.45 5.85 -28.56
N THR D 43 10.01 6.85 -29.24
CA THR D 43 10.65 6.64 -30.54
C THR D 43 12.16 6.60 -30.36
N GLY D 44 12.77 5.49 -30.76
CA GLY D 44 14.21 5.35 -30.70
C GLY D 44 14.86 5.24 -32.07
N THR D 45 15.93 4.45 -32.14
CA THR D 45 16.64 4.21 -33.39
C THR D 45 16.62 2.72 -33.70
N SER D 46 17.12 2.39 -34.90
CA SER D 46 17.30 0.98 -35.28
C SER D 46 18.20 0.24 -34.30
N GLY D 47 19.12 0.95 -33.63
CA GLY D 47 20.06 0.27 -32.77
C GLY D 47 19.52 -0.18 -31.44
N ASP D 48 18.50 0.49 -30.91
CA ASP D 48 17.97 0.13 -29.59
C ASP D 48 16.54 -0.38 -29.64
N VAL D 49 15.58 0.44 -30.06
CA VAL D 49 14.18 0.02 -30.00
C VAL D 49 13.85 -0.91 -31.16
N GLY D 50 14.35 -0.59 -32.36
CA GLY D 50 14.07 -1.41 -33.53
C GLY D 50 14.78 -2.74 -33.54
N THR D 51 15.84 -2.89 -32.75
CA THR D 51 16.64 -4.12 -32.77
C THR D 51 16.21 -5.11 -31.69
N TYR D 52 16.06 -4.65 -30.46
CA TYR D 52 15.74 -5.51 -29.34
C TYR D 52 14.27 -5.42 -28.97
N ASN D 53 13.77 -6.49 -28.36
CA ASN D 53 12.44 -6.54 -27.77
C ASN D 53 12.52 -6.39 -26.26
N TYR D 54 13.44 -5.53 -25.81
CA TYR D 54 13.76 -5.35 -24.41
C TYR D 54 13.37 -3.97 -23.91
N VAL D 55 12.23 -3.47 -24.39
CA VAL D 55 11.74 -2.16 -23.98
C VAL D 55 10.99 -2.30 -22.65
N SER D 56 11.31 -1.43 -21.71
CA SER D 56 10.66 -1.40 -20.41
C SER D 56 10.09 -0.02 -20.14
N TRP D 57 9.13 0.03 -19.21
CA TRP D 57 8.40 1.24 -18.87
C TRP D 57 8.33 1.35 -17.35
N TYR D 58 8.66 2.54 -16.85
CA TYR D 58 8.74 2.83 -15.43
C TYR D 58 7.84 4.00 -15.08
N GLN D 59 7.18 3.89 -13.93
CA GLN D 59 6.35 4.96 -13.39
C GLN D 59 7.08 5.60 -12.20
N GLN D 60 7.05 6.92 -12.15
CA GLN D 60 7.66 7.68 -11.06
C GLN D 60 6.61 8.62 -10.52
N LEU D 61 6.19 8.38 -9.29
CA LEU D 61 5.27 9.22 -8.55
C LEU D 61 6.01 10.35 -7.86
N PRO D 62 5.33 11.45 -7.52
CA PRO D 62 6.02 12.58 -6.88
C PRO D 62 6.66 12.19 -5.56
N GLY D 63 7.99 12.25 -5.51
CA GLY D 63 8.71 11.89 -4.31
C GLY D 63 9.00 10.41 -4.14
N LYS D 64 9.18 9.68 -5.24
CA LYS D 64 9.42 8.24 -5.18
C LYS D 64 10.41 7.84 -6.26
N ALA D 65 11.00 6.67 -6.07
CA ALA D 65 11.86 6.05 -7.06
C ALA D 65 11.01 5.48 -8.20
N PRO D 66 11.59 5.31 -9.39
CA PRO D 66 10.83 4.70 -10.49
C PRO D 66 10.43 3.27 -10.14
N LYS D 67 9.30 2.85 -10.71
CA LYS D 67 8.76 1.51 -10.48
C LYS D 67 8.49 0.84 -11.83
N LEU D 68 8.99 -0.39 -11.98
CA LEU D 68 8.82 -1.11 -13.22
C LEU D 68 7.35 -1.42 -13.47
N MET D 69 6.83 -0.96 -14.60
CA MET D 69 5.46 -1.21 -15.02
C MET D 69 5.37 -2.17 -16.18
N ILE D 70 6.29 -2.07 -17.13
CA ILE D 70 6.31 -2.96 -18.29
C ILE D 70 7.75 -3.38 -18.54
N TYR D 71 7.93 -4.62 -18.99
CA TYR D 71 9.24 -5.09 -19.39
C TYR D 71 9.05 -6.05 -20.55
N ASP D 72 10.10 -6.22 -21.37
CA ASP D 72 10.02 -7.20 -22.45
C ASP D 72 8.79 -6.93 -23.32
N VAL D 73 8.91 -6.01 -24.29
CA VAL D 73 7.99 -4.94 -24.64
C VAL D 73 6.57 -5.10 -24.08
N THR D 74 6.05 -6.31 -24.00
CA THR D 74 4.63 -6.50 -23.70
C THR D 74 4.35 -7.08 -22.33
N ARG D 75 5.36 -7.50 -21.57
CA ARG D 75 5.14 -8.24 -20.33
C ARG D 75 4.96 -7.32 -19.13
N ARG D 76 4.11 -7.76 -18.21
CA ARG D 76 3.78 -7.06 -16.97
C ARG D 76 4.41 -7.76 -15.77
N PRO D 77 5.03 -7.03 -14.86
CA PRO D 77 5.42 -7.63 -13.57
C PRO D 77 4.20 -7.92 -12.73
N SER D 78 4.39 -8.78 -11.72
CA SER D 78 3.30 -9.19 -10.85
C SER D 78 2.76 -7.98 -10.08
N GLY D 79 1.44 -7.90 -9.97
CA GLY D 79 0.77 -6.81 -9.31
C GLY D 79 0.30 -5.69 -10.23
N VAL D 80 0.91 -5.56 -11.40
CA VAL D 80 0.50 -4.50 -12.35
C VAL D 80 -0.74 -4.95 -13.08
N PRO D 81 -1.82 -4.16 -13.07
CA PRO D 81 -3.06 -4.55 -13.76
C PRO D 81 -2.92 -4.54 -15.27
N ASP D 82 -3.83 -5.26 -15.92
CA ASP D 82 -3.87 -5.33 -17.37
C ASP D 82 -4.16 -3.97 -18.02
N ARG D 83 -4.50 -2.95 -17.23
CA ARG D 83 -4.73 -1.62 -17.79
C ARG D 83 -3.48 -1.04 -18.43
N PHE D 84 -2.30 -1.52 -18.04
CA PHE D 84 -1.04 -1.10 -18.63
C PHE D 84 -0.64 -2.15 -19.66
N SER D 85 -0.55 -1.74 -20.93
CA SER D 85 -0.14 -2.64 -21.99
C SER D 85 0.97 -2.00 -22.80
N GLY D 86 1.80 -2.84 -23.41
CA GLY D 86 2.93 -2.35 -24.18
C GLY D 86 2.92 -2.92 -25.58
N SER D 87 3.38 -2.11 -26.52
CA SER D 87 3.39 -2.47 -27.94
C SER D 87 4.63 -1.88 -28.58
N LYS D 88 5.00 -2.40 -29.75
CA LYS D 88 6.12 -1.85 -30.49
C LYS D 88 5.92 -2.04 -31.99
N SER D 89 6.24 -0.99 -32.75
CA SER D 89 6.23 -1.04 -34.21
C SER D 89 7.46 -0.29 -34.71
N GLY D 90 8.27 -0.97 -35.50
CA GLY D 90 9.48 -0.37 -36.04
C GLY D 90 10.40 0.10 -34.94
N ASN D 91 10.68 1.41 -34.93
CA ASN D 91 11.56 2.02 -33.95
C ASN D 91 10.81 2.68 -32.80
N THR D 92 9.51 2.45 -32.67
CA THR D 92 8.70 3.16 -31.69
C THR D 92 7.91 2.17 -30.84
N ALA D 93 8.10 2.25 -29.53
CA ALA D 93 7.28 1.51 -28.57
C ALA D 93 6.20 2.42 -27.99
N SER D 94 5.22 1.80 -27.35
CA SER D 94 4.07 2.54 -26.84
C SER D 94 3.56 1.88 -25.58
N LEU D 95 3.28 2.71 -24.58
CA LEU D 95 2.59 2.29 -23.36
C LEU D 95 1.15 2.80 -23.41
N THR D 96 0.21 1.89 -23.26
CA THR D 96 -1.21 2.21 -23.27
C THR D 96 -1.78 2.03 -21.87
N ILE D 97 -2.46 3.06 -21.39
CA ILE D 97 -3.09 3.04 -20.07
C ILE D 97 -4.59 3.16 -20.27
N SER D 98 -5.31 2.10 -19.89
CA SER D 98 -6.77 2.03 -19.96
C SER D 98 -7.38 2.24 -18.57
N GLY D 99 -8.62 2.72 -18.56
CA GLY D 99 -9.36 2.94 -17.33
C GLY D 99 -8.60 3.78 -16.33
N LEU D 100 -8.34 5.04 -16.69
CA LEU D 100 -7.49 5.90 -15.89
C LEU D 100 -8.05 6.09 -14.49
N GLN D 101 -7.16 6.02 -13.50
CA GLN D 101 -7.46 6.32 -12.12
C GLN D 101 -6.58 7.48 -11.67
N ALA D 102 -7.04 8.19 -10.63
CA ALA D 102 -6.27 9.31 -10.10
C ALA D 102 -4.89 8.86 -9.62
N ASP D 103 -4.76 7.60 -9.22
CA ASP D 103 -3.48 7.07 -8.76
C ASP D 103 -2.46 6.90 -9.88
N ASP D 104 -2.87 7.08 -11.14
CA ASP D 104 -1.94 6.93 -12.25
C ASP D 104 -1.15 8.20 -12.57
N GLU D 105 -1.55 9.35 -12.00
CA GLU D 105 -0.85 10.60 -12.27
C GLU D 105 0.61 10.47 -11.88
N ALA D 106 1.50 10.62 -12.85
CA ALA D 106 2.92 10.38 -12.59
C ALA D 106 3.72 10.67 -13.86
N ASP D 107 5.04 10.60 -13.73
CA ASP D 107 5.92 10.66 -14.89
C ASP D 107 6.20 9.24 -15.36
N TYR D 108 6.12 9.02 -16.66
CA TYR D 108 6.35 7.70 -17.25
C TYR D 108 7.57 7.76 -18.16
N TYR D 109 8.50 6.83 -17.96
CA TYR D 109 9.73 6.78 -18.72
C TYR D 109 9.83 5.47 -19.45
N CYS D 110 10.18 5.53 -20.73
CA CYS D 110 10.53 4.33 -21.47
C CYS D 110 12.04 4.13 -21.44
N CYS D 111 12.45 2.87 -21.61
CA CYS D 111 13.85 2.49 -21.54
C CYS D 111 14.07 1.36 -22.53
N SER D 112 15.20 1.40 -23.22
CA SER D 112 15.55 0.34 -24.16
C SER D 112 16.99 -0.09 -23.98
N TYR D 113 17.20 -1.40 -24.09
CA TYR D 113 18.53 -1.94 -24.29
C TYR D 113 19.14 -1.39 -25.58
N ALA D 114 20.43 -1.08 -25.55
CA ALA D 114 21.08 -0.46 -26.70
C ALA D 114 22.44 -1.09 -26.97
N GLY D 115 22.54 -2.40 -26.80
CA GLY D 115 23.80 -3.09 -26.93
C GLY D 115 24.25 -3.67 -25.61
N THR D 116 25.40 -4.34 -25.65
CA THR D 116 25.94 -5.02 -24.49
C THR D 116 26.07 -4.06 -23.31
N LEU D 117 25.40 -4.40 -22.21
CA LEU D 117 25.46 -3.64 -20.96
C LEU D 117 25.20 -2.16 -21.19
N THR D 118 24.19 -1.85 -22.00
CA THR D 118 23.87 -0.47 -22.34
C THR D 118 22.36 -0.28 -22.35
N TRP D 119 21.91 0.84 -21.78
CA TRP D 119 20.49 1.19 -21.78
C TRP D 119 20.35 2.68 -22.04
N VAL D 120 19.20 3.05 -22.60
CA VAL D 120 18.89 4.45 -22.90
C VAL D 120 17.45 4.73 -22.48
N PHE D 121 17.25 5.84 -21.80
CA PHE D 121 15.93 6.25 -21.33
C PHE D 121 15.30 7.27 -22.26
N GLY D 122 13.97 7.32 -22.25
CA GLY D 122 13.25 8.38 -22.90
C GLY D 122 13.18 9.62 -22.03
N GLY D 123 12.70 10.71 -22.62
CA GLY D 123 12.64 11.98 -21.91
C GLY D 123 11.57 12.04 -20.84
N GLY D 124 10.58 11.17 -20.90
CA GLY D 124 9.54 11.16 -19.90
C GLY D 124 8.27 11.86 -20.37
N THR D 125 7.14 11.40 -19.84
CA THR D 125 5.83 11.94 -20.18
C THR D 125 5.04 12.12 -18.89
N LYS D 126 4.53 13.32 -18.67
CA LYS D 126 3.72 13.61 -17.48
C LYS D 126 2.27 13.25 -17.76
N LEU D 127 1.70 12.40 -16.92
CA LEU D 127 0.32 11.96 -17.01
C LEU D 127 -0.48 12.58 -15.88
N THR D 128 -1.50 13.36 -16.25
CA THR D 128 -2.43 14.00 -15.34
C THR D 128 -3.85 13.50 -15.63
N VAL D 129 -4.60 13.24 -14.57
CA VAL D 129 -5.97 12.77 -14.69
C VAL D 129 -6.89 13.96 -14.40
N LEU D 130 -7.52 14.49 -15.44
CA LEU D 130 -8.41 15.63 -15.32
C LEU D 130 -9.83 15.17 -15.03
N GLY D 131 -10.72 16.14 -14.80
CA GLY D 131 -12.12 15.86 -14.65
C GLY D 131 -12.54 15.34 -13.29
N GLN D 132 -11.63 15.26 -12.34
CA GLN D 132 -11.96 14.78 -11.00
C GLN D 132 -12.84 15.79 -10.28
N PRO D 133 -13.51 15.38 -9.19
CA PRO D 133 -14.37 16.31 -8.46
C PRO D 133 -13.60 17.51 -7.94
N LYS D 134 -14.26 18.67 -7.97
CA LYS D 134 -13.68 19.89 -7.43
C LYS D 134 -13.49 19.75 -5.92
N ALA D 135 -12.40 20.30 -5.41
CA ALA D 135 -12.12 20.30 -3.98
C ALA D 135 -11.56 21.67 -3.62
N ALA D 136 -12.25 22.37 -2.70
CA ALA D 136 -11.80 23.68 -2.26
C ALA D 136 -10.64 23.54 -1.28
N PRO D 137 -9.68 24.48 -1.31
CA PRO D 137 -8.49 24.33 -0.48
C PRO D 137 -8.75 24.63 0.98
N SER D 138 -8.17 23.80 1.85
CA SER D 138 -8.05 24.10 3.27
C SER D 138 -6.83 25.00 3.50
N VAL D 139 -7.02 26.08 4.24
CA VAL D 139 -5.97 27.08 4.47
C VAL D 139 -5.74 27.22 5.97
N THR D 140 -4.47 27.17 6.38
CA THR D 140 -4.09 27.40 7.77
C THR D 140 -3.04 28.52 7.79
N LEU D 141 -3.26 29.53 8.61
CA LEU D 141 -2.38 30.69 8.70
C LEU D 141 -1.77 30.78 10.09
N PHE D 142 -0.43 30.78 10.15
CA PHE D 142 0.34 30.88 11.37
C PHE D 142 1.03 32.24 11.44
N PRO D 143 0.88 32.95 12.55
CA PRO D 143 1.63 34.18 12.76
C PRO D 143 3.07 33.88 13.13
N PRO D 144 3.94 34.89 13.13
CA PRO D 144 5.33 34.64 13.56
C PRO D 144 5.39 34.18 15.01
N SER D 145 6.19 33.14 15.24
CA SER D 145 6.50 32.70 16.60
C SER D 145 7.19 33.79 17.40
N SER D 146 6.91 33.84 18.70
CA SER D 146 7.60 34.80 19.54
C SER D 146 9.07 34.47 19.69
N GLU D 147 9.47 33.21 19.45
CA GLU D 147 10.89 32.91 19.36
C GLU D 147 11.53 33.60 18.17
N GLU D 148 10.87 33.54 17.00
CA GLU D 148 11.40 34.21 15.83
C GLU D 148 11.43 35.72 16.01
N LEU D 149 10.37 36.29 16.61
CA LEU D 149 10.35 37.72 16.88
C LEU D 149 11.46 38.12 17.85
N GLN D 150 11.79 37.25 18.80
CA GLN D 150 12.93 37.52 19.67
C GLN D 150 14.23 37.56 18.88
N ALA D 151 14.31 36.79 17.79
CA ALA D 151 15.47 36.80 16.90
C ALA D 151 15.41 37.90 15.85
N ASN D 152 14.52 38.89 16.02
CA ASN D 152 14.45 40.05 15.12
C ASN D 152 14.02 39.64 13.71
N LYS D 153 13.11 38.66 13.62
CA LYS D 153 12.56 38.24 12.34
C LYS D 153 11.07 37.99 12.51
N ALA D 154 10.36 37.97 11.37
CA ALA D 154 8.94 37.63 11.39
C ALA D 154 8.60 36.90 10.11
N THR D 155 7.93 35.75 10.23
CA THR D 155 7.51 34.98 9.07
C THR D 155 6.07 34.52 9.29
N LEU D 156 5.18 34.92 8.40
CA LEU D 156 3.81 34.42 8.39
C LEU D 156 3.74 33.24 7.43
N VAL D 157 3.07 32.17 7.87
CA VAL D 157 3.10 30.89 7.17
C VAL D 157 1.68 30.50 6.79
N CYS D 158 1.41 30.38 5.50
CA CYS D 158 0.08 30.06 4.99
C CYS D 158 0.17 28.75 4.23
N LEU D 159 -0.49 27.73 4.75
CA LEU D 159 -0.40 26.39 4.20
C LEU D 159 -1.74 26.03 3.58
N ILE D 160 -1.70 25.54 2.34
CA ILE D 160 -2.87 25.27 1.52
C ILE D 160 -2.84 23.81 1.14
N SER D 161 -3.95 23.11 1.37
CA SER D 161 -3.97 21.66 1.18
C SER D 161 -5.31 21.23 0.61
N ASP D 162 -5.33 20.01 0.09
CA ASP D 162 -6.57 19.28 -0.19
C ASP D 162 -7.40 19.98 -1.26
N PHE D 163 -6.76 20.56 -2.26
CA PHE D 163 -7.48 21.21 -3.35
C PHE D 163 -7.29 20.47 -4.66
N TYR D 164 -8.31 20.55 -5.51
CA TYR D 164 -8.30 20.03 -6.86
C TYR D 164 -9.25 20.90 -7.68
N PRO D 165 -8.84 21.36 -8.87
CA PRO D 165 -7.59 21.07 -9.60
C PRO D 165 -6.36 21.66 -8.92
N GLY D 166 -5.18 21.15 -9.27
CA GLY D 166 -3.94 21.52 -8.61
C GLY D 166 -3.32 22.83 -9.07
N ALA D 167 -3.98 23.94 -8.77
CA ALA D 167 -3.46 25.26 -9.09
C ALA D 167 -4.19 26.29 -8.26
N VAL D 168 -3.43 27.15 -7.58
CA VAL D 168 -3.99 28.25 -6.80
C VAL D 168 -3.10 29.48 -7.02
N THR D 169 -3.63 30.63 -6.63
CA THR D 169 -2.86 31.88 -6.58
C THR D 169 -3.00 32.48 -5.19
N VAL D 170 -1.90 32.98 -4.65
CA VAL D 170 -1.88 33.48 -3.28
C VAL D 170 -1.55 34.96 -3.28
N ALA D 171 -2.37 35.74 -2.58
CA ALA D 171 -2.12 37.16 -2.36
C ALA D 171 -2.12 37.43 -0.87
N TRP D 172 -1.36 38.44 -0.45
CA TRP D 172 -1.30 38.84 0.94
C TRP D 172 -1.78 40.27 1.09
N LYS D 173 -2.40 40.56 2.24
CA LYS D 173 -2.99 41.87 2.50
C LYS D 173 -2.50 42.37 3.85
N ALA D 174 -2.11 43.65 3.88
CA ALA D 174 -1.77 44.36 5.12
C ALA D 174 -2.97 45.23 5.51
N ASP D 175 -3.89 44.60 6.23
CA ASP D 175 -5.14 45.12 6.81
C ASP D 175 -6.23 45.48 5.80
N SER D 176 -5.85 45.89 4.60
CA SER D 176 -6.68 45.74 3.41
C SER D 176 -5.79 45.83 2.18
N SER D 177 -4.51 46.11 2.41
CA SER D 177 -3.65 46.60 1.34
C SER D 177 -2.77 45.50 0.77
N PRO D 178 -2.65 45.46 -0.55
CA PRO D 178 -1.81 44.44 -1.18
C PRO D 178 -0.37 44.54 -0.70
N VAL D 179 0.23 43.39 -0.44
CA VAL D 179 1.63 43.28 -0.04
C VAL D 179 2.42 43.00 -1.29
N LYS D 180 3.41 43.84 -1.58
CA LYS D 180 4.22 43.68 -2.78
C LYS D 180 5.63 43.21 -2.50
N ALA D 181 6.05 43.12 -1.24
CA ALA D 181 7.38 42.66 -0.86
C ALA D 181 7.31 41.43 0.03
N GLY D 182 8.35 40.60 -0.05
CA GLY D 182 8.54 39.51 0.90
C GLY D 182 7.67 38.29 0.78
N VAL D 183 7.03 38.06 -0.37
CA VAL D 183 6.16 36.90 -0.56
C VAL D 183 6.91 35.83 -1.33
N GLU D 184 6.82 34.59 -0.86
CA GLU D 184 7.40 33.44 -1.54
C GLU D 184 6.39 32.31 -1.54
N THR D 185 6.02 31.82 -2.71
CA THR D 185 4.98 30.81 -2.84
C THR D 185 5.50 29.63 -3.65
N THR D 186 5.24 28.41 -3.17
CA THR D 186 5.69 27.21 -3.84
C THR D 186 4.79 26.87 -5.02
N THR D 187 5.30 26.01 -5.89
CA THR D 187 4.47 25.35 -6.89
C THR D 187 3.53 24.35 -6.21
N PRO D 188 2.41 24.03 -6.86
CA PRO D 188 1.51 23.01 -6.29
C PRO D 188 2.16 21.63 -6.32
N SER D 189 1.92 20.86 -5.26
CA SER D 189 2.46 19.51 -5.15
C SER D 189 1.34 18.54 -4.80
N LYS D 190 1.45 17.32 -5.33
CA LYS D 190 0.42 16.32 -5.15
C LYS D 190 0.54 15.66 -3.78
N GLN D 191 -0.61 15.44 -3.13
CA GLN D 191 -0.66 14.70 -1.88
C GLN D 191 -0.95 13.23 -2.17
N SER D 192 -0.96 12.42 -1.11
CA SER D 192 -1.25 10.99 -1.25
C SER D 192 -2.74 10.70 -1.43
N ASN D 193 -3.60 11.69 -1.19
CA ASN D 193 -5.04 11.54 -1.40
C ASN D 193 -5.50 12.07 -2.74
N ASN D 194 -4.59 12.17 -3.72
CA ASN D 194 -4.82 12.66 -5.07
C ASN D 194 -5.22 14.12 -5.11
N LYS D 195 -5.21 14.83 -3.98
CA LYS D 195 -5.37 16.28 -3.95
C LYS D 195 -4.00 16.95 -3.96
N TYR D 196 -3.98 18.28 -3.97
CA TYR D 196 -2.76 19.04 -4.11
C TYR D 196 -2.53 19.96 -2.91
N ALA D 197 -1.30 20.44 -2.77
CA ALA D 197 -0.92 21.29 -1.66
C ALA D 197 0.14 22.29 -2.09
N ALA D 198 0.22 23.39 -1.36
CA ALA D 198 1.19 24.45 -1.59
C ALA D 198 1.35 25.26 -0.32
N SER D 199 2.36 26.13 -0.29
CA SER D 199 2.59 26.95 0.88
C SER D 199 3.10 28.31 0.44
N SER D 200 2.77 29.33 1.22
CA SER D 200 3.22 30.69 0.97
C SER D 200 3.75 31.30 2.26
N TYR D 201 4.80 32.09 2.13
CA TYR D 201 5.48 32.69 3.26
C TYR D 201 5.58 34.19 3.04
N LEU D 202 5.30 34.95 4.08
CA LEU D 202 5.46 36.39 4.05
C LEU D 202 6.51 36.77 5.08
N SER D 203 7.64 37.31 4.61
CA SER D 203 8.72 37.74 5.47
C SER D 203 8.52 39.20 5.83
N LEU D 204 8.51 39.49 7.13
CA LEU D 204 8.33 40.83 7.65
C LEU D 204 9.33 41.08 8.76
N THR D 205 9.73 42.34 8.90
CA THR D 205 10.42 42.75 10.11
C THR D 205 9.44 42.80 11.27
N PRO D 206 9.91 42.65 12.50
CA PRO D 206 9.01 42.81 13.66
C PRO D 206 8.23 44.12 13.63
N GLU D 207 8.85 45.20 13.11
CA GLU D 207 8.18 46.48 13.06
C GLU D 207 7.02 46.48 12.08
N GLN D 208 7.21 45.88 10.90
CA GLN D 208 6.12 45.79 9.92
C GLN D 208 4.97 44.93 10.46
N TRP D 209 5.30 43.89 11.21
CA TRP D 209 4.27 43.07 11.85
C TRP D 209 3.53 43.87 12.91
N LYS D 210 4.27 44.72 13.64
CA LYS D 210 3.70 45.53 14.71
C LYS D 210 2.86 46.68 14.19
N SER D 211 3.14 47.16 12.98
CA SER D 211 2.56 48.42 12.51
C SER D 211 1.12 48.26 12.03
N HIS D 212 0.72 47.05 11.67
CA HIS D 212 -0.60 46.77 11.14
C HIS D 212 -1.49 46.08 12.16
N ARG D 213 -2.81 46.22 11.98
CA ARG D 213 -3.75 45.56 12.87
C ARG D 213 -3.92 44.09 12.51
N SER D 214 -3.69 43.72 11.25
CA SER D 214 -3.82 42.32 10.84
C SER D 214 -3.18 42.11 9.49
N TYR D 215 -2.87 40.85 9.20
CA TYR D 215 -2.41 40.42 7.89
C TYR D 215 -3.27 39.26 7.43
N SER D 216 -3.51 39.20 6.13
CA SER D 216 -4.43 38.21 5.56
C SER D 216 -3.73 37.46 4.44
N CYS D 217 -3.88 36.13 4.45
CA CYS D 217 -3.52 35.28 3.34
C CYS D 217 -4.80 34.92 2.57
N GLN D 218 -4.85 35.31 1.29
CA GLN D 218 -5.99 35.08 0.42
C GLN D 218 -5.60 34.10 -0.67
N VAL D 219 -6.24 32.93 -0.68
CA VAL D 219 -5.99 31.88 -1.65
C VAL D 219 -7.15 31.86 -2.64
N THR D 220 -6.81 31.92 -3.93
CA THR D 220 -7.78 31.86 -5.01
C THR D 220 -7.62 30.54 -5.75
N HIS D 221 -8.75 29.85 -5.94
CA HIS D 221 -8.80 28.54 -6.60
C HIS D 221 -10.02 28.53 -7.51
N GLU D 222 -9.80 28.36 -8.81
CA GLU D 222 -10.87 28.31 -9.81
C GLU D 222 -11.85 29.47 -9.64
N GLY D 223 -11.31 30.67 -9.41
CA GLY D 223 -12.11 31.86 -9.32
C GLY D 223 -12.66 32.18 -7.94
N SER D 224 -12.57 31.25 -7.00
CA SER D 224 -13.10 31.45 -5.65
C SER D 224 -11.96 31.78 -4.69
N THR D 225 -12.09 32.90 -3.98
CA THR D 225 -11.04 33.40 -3.11
C THR D 225 -11.51 33.33 -1.66
N VAL D 226 -10.80 32.53 -0.86
CA VAL D 226 -11.03 32.47 0.58
C VAL D 226 -9.79 33.05 1.26
N GLU D 227 -9.91 33.37 2.54
CA GLU D 227 -8.80 34.02 3.22
C GLU D 227 -8.81 33.72 4.71
N LYS D 228 -7.61 33.77 5.29
CA LYS D 228 -7.42 33.70 6.74
C LYS D 228 -6.66 34.95 7.18
N THR D 229 -6.83 35.31 8.45
CA THR D 229 -6.29 36.55 8.97
C THR D 229 -5.71 36.34 10.36
N VAL D 230 -4.55 36.94 10.60
CA VAL D 230 -3.90 36.92 11.91
C VAL D 230 -3.58 38.35 12.31
N ALA D 231 -3.45 38.57 13.61
CA ALA D 231 -3.23 39.90 14.15
C ALA D 231 -2.07 39.89 15.12
N PRO D 232 -1.43 41.05 15.35
CA PRO D 232 -0.34 41.09 16.33
C PRO D 232 -0.84 40.83 17.75
N THR D 233 -1.18 39.58 18.01
CA THR D 233 -1.65 39.15 19.32
C THR D 233 -0.53 39.20 20.35
#